data_4CXR
#
_entry.id   4CXR
#
_cell.length_a   62.940
_cell.length_b   66.084
_cell.length_c   201.899
_cell.angle_alpha   90.00
_cell.angle_beta   90.00
_cell.angle_gamma   90.00
#
_symmetry.space_group_name_H-M   'P 21 21 21'
#
loop_
_entity.id
_entity.type
_entity.pdbx_description
1 polymer 'ADENOSYLMETHIONINE-8-AMINO-7-OXONONANOATE AMINOTRANSFERASE'
2 non-polymer "PYRIDOXAL-5'-PHOSPHATE"
3 non-polymer 1-(1,3-benzothiazol-2-yl)methanamine
4 non-polymer 'SULFATE ION'
5 non-polymer 1,2-ETHANEDIOL
6 water water
#
_entity_poly.entity_id   1
_entity_poly.type   'polypeptide(L)'
_entity_poly.pdbx_seq_one_letter_code
;MGSSHHHHHHSSGLVPRGSHMAAATGGLTPEQIIAVDGAHLWHPYSSIGREAVSPVVAVAAHGAWLTLIRDGQPIEVLDA
MSSWWTAIHGHGHPALDQALTTQLRVMNHVMFGGLTHEPAARLAKLLVDITPAGLDTVFFSDSGSVSVEVAAKMALQYWR
GRGLPGKRRLMTWRGGYHGDTFLAMSICDPHGGMHSLWTDVLAAQVFAPQVPRDYDPAYSAAFEAQLAQHAGELAAVVVE
PVVQGAGGMRFHDPRYLHDLRDICRRYEVLLIFDEIATGFGRTGALFAADHAGVSPDIMCVGKALTGGYLSLAATLCTAD
VAHTISAGAAGALMHGPTFMANPLACAVSVASVELLLGQDWRTRITELAAGLTAGLDTARALPAVTDVRVCGAIGVIECD
RPVDLAVATPAALDRGVWLRPFRNLVYAMPPYICTPAEITQITSAMVEVARLVGSLP
;
_entity_poly.pdbx_strand_id   A,B
#
# COMPACT_ATOMS: atom_id res chain seq x y z
N LEU A 28 23.14 2.67 -15.59
CA LEU A 28 22.77 3.96 -16.17
C LEU A 28 23.56 5.11 -15.57
N THR A 29 23.92 6.08 -16.40
CA THR A 29 24.55 7.31 -15.92
C THR A 29 23.45 8.26 -15.45
N PRO A 30 23.81 9.30 -14.68
CA PRO A 30 22.80 10.31 -14.35
C PRO A 30 22.08 10.87 -15.57
N GLU A 31 22.82 11.09 -16.66
CA GLU A 31 22.20 11.58 -17.88
C GLU A 31 21.16 10.61 -18.42
N GLN A 32 21.49 9.31 -18.40
CA GLN A 32 20.57 8.30 -18.89
C GLN A 32 19.36 8.14 -17.97
N ILE A 33 19.58 8.27 -16.66
CA ILE A 33 18.49 8.21 -15.70
C ILE A 33 17.49 9.33 -15.96
N ILE A 34 17.97 10.55 -16.15
CA ILE A 34 17.11 11.69 -16.47
C ILE A 34 16.29 11.42 -17.74
N ALA A 35 16.93 10.85 -18.76
CA ALA A 35 16.24 10.58 -20.03
C ALA A 35 15.12 9.54 -19.86
N VAL A 36 15.44 8.45 -19.17
CA VAL A 36 14.45 7.39 -18.93
C VAL A 36 13.31 7.94 -18.08
N ASP A 37 13.68 8.67 -17.02
CA ASP A 37 12.70 9.30 -16.14
C ASP A 37 11.73 10.20 -16.90
N GLY A 38 12.28 11.07 -17.75
CA GLY A 38 11.43 11.98 -18.52
C GLY A 38 10.46 11.24 -19.43
N ALA A 39 10.93 10.14 -19.99
CA ALA A 39 10.13 9.40 -20.95
C ALA A 39 9.07 8.51 -20.29
N HIS A 40 9.37 7.96 -19.11
CA HIS A 40 8.58 6.83 -18.61
C HIS A 40 8.08 6.87 -17.18
N LEU A 41 8.57 7.80 -16.36
CA LEU A 41 8.22 7.78 -14.95
C LEU A 41 7.26 8.87 -14.56
N TRP A 42 6.15 8.47 -13.98
CA TRP A 42 5.22 9.43 -13.40
C TRP A 42 5.62 9.76 -11.96
N HIS A 43 5.82 11.03 -11.65
CA HIS A 43 6.20 11.43 -10.29
C HIS A 43 4.99 11.85 -9.46
N PRO A 44 5.13 11.88 -8.13
CA PRO A 44 3.95 12.19 -7.32
C PRO A 44 3.36 13.58 -7.59
N TYR A 45 2.03 13.66 -7.60
CA TYR A 45 1.32 14.94 -7.65
C TYR A 45 1.76 15.77 -8.84
N SER A 46 1.94 15.13 -9.98
CA SER A 46 2.56 15.76 -11.14
CA SER A 46 2.51 15.80 -11.13
C SER A 46 1.83 15.42 -12.43
N SER A 47 2.21 16.12 -13.49
CA SER A 47 1.77 15.79 -14.83
CA SER A 47 1.77 15.80 -14.83
C SER A 47 2.91 15.13 -15.60
N ILE A 48 2.61 14.61 -16.77
CA ILE A 48 3.64 14.01 -17.61
C ILE A 48 4.07 15.01 -18.66
N GLY A 49 5.36 15.28 -18.73
CA GLY A 49 5.91 16.13 -19.79
C GLY A 49 5.71 17.62 -19.61
N ARG A 50 5.08 18.02 -18.51
CA ARG A 50 4.86 19.43 -18.24
C ARG A 50 5.22 19.79 -16.80
N SER A 54 12.18 19.10 -13.89
CA SER A 54 13.08 17.95 -13.90
C SER A 54 13.47 17.51 -12.50
N PRO A 55 13.37 16.20 -12.22
CA PRO A 55 13.86 15.68 -10.94
C PRO A 55 15.37 15.72 -10.88
N VAL A 56 15.92 15.72 -9.68
CA VAL A 56 17.37 15.66 -9.46
C VAL A 56 17.74 14.20 -9.21
N VAL A 57 18.81 13.72 -9.83
CA VAL A 57 19.23 12.33 -9.64
C VAL A 57 19.89 12.17 -8.27
N ALA A 58 19.36 11.24 -7.48
CA ALA A 58 19.98 10.83 -6.23
C ALA A 58 20.76 9.54 -6.46
N VAL A 59 22.02 9.51 -6.00
CA VAL A 59 22.86 8.34 -6.27
C VAL A 59 23.35 7.63 -5.01
N ALA A 60 23.22 8.27 -3.85
CA ALA A 60 23.57 7.61 -2.58
C ALA A 60 22.92 8.32 -1.41
N ALA A 61 22.82 7.63 -0.28
CA ALA A 61 22.30 8.25 0.94
C ALA A 61 22.95 7.58 2.13
N HIS A 62 23.56 8.39 2.98
CA HIS A 62 24.19 7.87 4.18
CA HIS A 62 24.24 7.89 4.18
C HIS A 62 24.02 8.84 5.34
N GLY A 63 23.57 8.32 6.47
CA GLY A 63 23.28 9.15 7.63
C GLY A 63 22.26 10.22 7.27
N ALA A 64 22.59 11.46 7.61
CA ALA A 64 21.66 12.55 7.33
C ALA A 64 21.85 13.13 5.93
N TRP A 65 22.71 12.51 5.14
CA TRP A 65 23.17 13.09 3.87
C TRP A 65 22.74 12.33 2.60
N LEU A 66 22.32 13.09 1.60
CA LEU A 66 22.10 12.54 0.25
C LEU A 66 23.21 12.95 -0.68
N THR A 67 23.57 12.06 -1.60
CA THR A 67 24.44 12.45 -2.69
C THR A 67 23.59 12.66 -3.93
N LEU A 68 23.55 13.90 -4.40
CA LEU A 68 22.74 14.24 -5.57
C LEU A 68 23.66 14.68 -6.69
N ILE A 69 23.19 14.58 -7.93
CA ILE A 69 23.95 15.05 -9.07
C ILE A 69 23.45 16.42 -9.49
N ARG A 70 24.34 17.40 -9.46
CA ARG A 70 24.01 18.74 -9.89
C ARG A 70 25.03 19.20 -10.93
N ASP A 71 24.55 19.52 -12.12
CA ASP A 71 25.40 19.91 -13.25
C ASP A 71 26.51 18.88 -13.49
N GLY A 72 26.13 17.60 -13.48
CA GLY A 72 27.05 16.52 -13.79
C GLY A 72 28.00 16.12 -12.68
N GLN A 73 27.95 16.81 -11.55
CA GLN A 73 28.84 16.50 -10.45
C GLN A 73 28.08 16.11 -9.18
N PRO A 74 28.60 15.14 -8.44
CA PRO A 74 28.00 14.73 -7.17
C PRO A 74 28.17 15.77 -6.07
N ILE A 75 27.10 16.06 -5.34
CA ILE A 75 27.16 16.97 -4.20
C ILE A 75 26.49 16.32 -2.99
N GLU A 76 26.99 16.64 -1.79
CA GLU A 76 26.40 16.13 -0.55
C GLU A 76 25.43 17.15 0.03
N VAL A 77 24.18 16.76 0.27
CA VAL A 77 23.23 17.68 0.89
C VAL A 77 22.48 17.02 2.04
N LEU A 78 22.11 17.81 3.04
CA LEU A 78 21.35 17.30 4.18
C LEU A 78 19.92 16.95 3.76
N ASP A 79 19.45 15.78 4.18
CA ASP A 79 18.06 15.38 3.95
C ASP A 79 17.16 16.04 5.00
N ALA A 80 16.86 17.32 4.80
CA ALA A 80 16.10 18.07 5.80
C ALA A 80 14.65 17.59 5.92
N MET A 81 14.19 16.81 4.94
CA MET A 81 12.81 16.35 4.92
C MET A 81 12.67 14.94 5.49
N SER A 82 13.80 14.35 5.90
CA SER A 82 13.87 12.92 6.22
C SER A 82 13.17 12.07 5.17
N SER A 83 13.31 12.43 3.89
CA SER A 83 12.68 11.66 2.82
C SER A 83 11.17 11.48 3.07
N TRP A 84 10.49 12.61 3.17
CA TRP A 84 9.07 12.66 3.41
C TRP A 84 8.75 12.02 4.74
N TRP A 85 9.56 12.39 5.74
CA TRP A 85 9.23 12.22 7.15
C TRP A 85 9.41 10.78 7.61
N THR A 86 10.21 10.01 6.89
CA THR A 86 10.37 8.61 7.20
C THR A 86 11.71 8.28 7.89
N ALA A 87 12.78 8.95 7.47
CA ALA A 87 14.14 8.52 7.80
C ALA A 87 14.61 9.04 9.15
N ILE A 88 13.93 8.65 10.22
CA ILE A 88 14.16 9.28 11.51
C ILE A 88 15.55 8.95 12.09
N HIS A 89 16.13 7.83 11.68
CA HIS A 89 17.48 7.47 12.11
C HIS A 89 18.51 7.73 11.02
N GLY A 90 18.11 8.47 9.98
CA GLY A 90 18.97 8.70 8.83
C GLY A 90 19.06 7.48 7.93
N HIS A 91 19.85 7.59 6.86
CA HIS A 91 19.98 6.51 5.88
C HIS A 91 21.15 5.58 6.22
N GLY A 92 20.99 4.28 5.94
CA GLY A 92 22.11 3.36 6.12
C GLY A 92 22.58 3.20 7.56
N HIS A 93 21.64 3.23 8.49
CA HIS A 93 21.97 3.00 9.88
C HIS A 93 22.36 1.54 10.08
N PRO A 94 23.51 1.29 10.71
CA PRO A 94 24.00 -0.10 10.83
C PRO A 94 23.02 -1.07 11.51
N ALA A 95 22.29 -0.60 12.50
CA ALA A 95 21.33 -1.45 13.21
C ALA A 95 20.20 -1.86 12.28
N LEU A 96 19.73 -0.94 11.45
CA LEU A 96 18.59 -1.22 10.58
C LEU A 96 19.04 -2.07 9.40
N ASP A 97 20.20 -1.73 8.84
CA ASP A 97 20.79 -2.51 7.75
C ASP A 97 20.96 -3.97 8.17
N GLN A 98 21.54 -4.19 9.35
CA GLN A 98 21.79 -5.54 9.80
C GLN A 98 20.51 -6.29 10.13
N ALA A 99 19.50 -5.58 10.63
CA ALA A 99 18.21 -6.23 10.88
C ALA A 99 17.63 -6.76 9.57
N LEU A 100 17.75 -5.97 8.50
CA LEU A 100 17.25 -6.36 7.21
C LEU A 100 18.04 -7.56 6.65
N THR A 101 19.36 -7.49 6.68
CA THR A 101 20.16 -8.55 6.10
C THR A 101 20.06 -9.86 6.92
N THR A 102 19.91 -9.74 8.24
CA THR A 102 19.71 -10.92 9.09
C THR A 102 18.40 -11.61 8.73
N GLN A 103 17.33 -10.85 8.57
CA GLN A 103 16.05 -11.46 8.24
C GLN A 103 16.07 -12.03 6.82
N LEU A 104 16.76 -11.34 5.91
CA LEU A 104 16.85 -11.77 4.51
C LEU A 104 17.49 -13.16 4.42
N ARG A 105 18.39 -13.46 5.35
CA ARG A 105 19.08 -14.74 5.39
C ARG A 105 18.12 -15.88 5.77
N VAL A 106 17.11 -15.54 6.56
CA VAL A 106 16.21 -16.53 7.16
C VAL A 106 14.94 -16.75 6.34
N MET A 107 14.23 -15.67 6.07
CA MET A 107 12.92 -15.76 5.46
C MET A 107 12.52 -14.39 4.93
N ASN A 108 12.50 -14.23 3.61
CA ASN A 108 12.14 -12.94 3.03
C ASN A 108 10.67 -12.59 3.25
N HIS A 109 9.79 -13.56 2.99
CA HIS A 109 8.35 -13.34 3.02
C HIS A 109 7.65 -14.67 2.98
N VAL A 110 6.58 -14.78 3.74
CA VAL A 110 5.60 -15.86 3.59
C VAL A 110 4.21 -15.23 3.69
N MET A 111 3.23 -15.89 3.09
CA MET A 111 1.85 -15.41 3.16
C MET A 111 1.33 -15.45 4.59
N PHE A 112 0.64 -14.38 4.99
CA PHE A 112 0.17 -14.28 6.38
C PHE A 112 -1.17 -14.99 6.55
N GLY A 113 -1.67 -15.59 5.46
CA GLY A 113 -2.89 -16.38 5.54
C GLY A 113 -2.61 -17.78 6.04
N GLY A 114 -2.82 -18.02 7.33
CA GLY A 114 -2.64 -19.34 7.89
C GLY A 114 -1.26 -19.54 8.51
N LEU A 115 -0.37 -18.58 8.28
CA LEU A 115 0.98 -18.63 8.86
C LEU A 115 1.21 -17.41 9.72
N THR A 116 2.08 -17.54 10.71
CA THR A 116 2.56 -16.39 11.44
C THR A 116 4.07 -16.51 11.59
N HIS A 117 4.71 -15.47 12.13
CA HIS A 117 6.16 -15.48 12.21
C HIS A 117 6.69 -14.49 13.22
N GLU A 118 7.96 -14.63 13.53
CA GLU A 118 8.57 -13.89 14.62
C GLU A 118 8.61 -12.37 14.39
N PRO A 119 9.02 -11.91 13.19
CA PRO A 119 9.01 -10.46 13.00
C PRO A 119 7.63 -9.82 13.25
N ALA A 120 6.56 -10.44 12.79
CA ALA A 120 5.22 -9.88 12.99
C ALA A 120 4.85 -9.87 14.47
N ALA A 121 5.18 -10.95 15.18
CA ALA A 121 4.88 -11.06 16.59
C ALA A 121 5.69 -10.06 17.42
N ARG A 122 6.98 -9.94 17.12
CA ARG A 122 7.82 -8.98 17.85
C ARG A 122 7.35 -7.54 17.63
N LEU A 123 6.94 -7.24 16.39
CA LEU A 123 6.56 -5.87 16.09
C LEU A 123 5.21 -5.55 16.72
N ALA A 124 4.27 -6.48 16.62
CA ALA A 124 2.94 -6.26 17.20
C ALA A 124 3.05 -6.07 18.70
N LYS A 125 3.90 -6.86 19.35
CA LYS A 125 4.07 -6.76 20.80
C LYS A 125 4.65 -5.39 21.16
N LEU A 126 5.64 -4.94 20.39
CA LEU A 126 6.24 -3.63 20.59
C LEU A 126 5.20 -2.53 20.39
N LEU A 127 4.40 -2.64 19.34
CA LEU A 127 3.47 -1.57 19.03
C LEU A 127 2.37 -1.45 20.09
N VAL A 128 1.86 -2.60 20.52
CA VAL A 128 0.82 -2.59 21.55
C VAL A 128 1.34 -1.98 22.84
N ASP A 129 2.61 -2.20 23.14
CA ASP A 129 3.16 -1.74 24.40
CA ASP A 129 3.20 -1.73 24.39
C ASP A 129 3.48 -0.24 24.41
N ILE A 130 3.83 0.33 23.25
CA ILE A 130 4.24 1.74 23.23
C ILE A 130 3.18 2.73 22.75
N THR A 131 2.07 2.23 22.21
CA THR A 131 0.97 3.08 21.75
C THR A 131 0.08 3.44 22.94
N PRO A 132 -0.81 4.44 22.78
CA PRO A 132 -1.74 4.80 23.85
C PRO A 132 -2.48 3.59 24.43
N ALA A 133 -2.76 3.64 25.72
CA ALA A 133 -3.36 2.51 26.41
C ALA A 133 -4.66 2.04 25.74
N GLY A 134 -4.85 0.73 25.70
CA GLY A 134 -6.09 0.16 25.20
C GLY A 134 -6.02 -0.35 23.78
N LEU A 135 -4.99 0.05 23.03
CA LEU A 135 -4.82 -0.45 21.67
C LEU A 135 -4.11 -1.79 21.72
N ASP A 136 -4.87 -2.86 21.51
CA ASP A 136 -4.40 -4.20 21.84
C ASP A 136 -4.27 -5.10 20.62
N THR A 137 -4.74 -4.66 19.47
CA THR A 137 -4.66 -5.51 18.29
C THR A 137 -4.06 -4.75 17.11
N VAL A 138 -3.40 -5.47 16.22
CA VAL A 138 -2.62 -4.84 15.17
C VAL A 138 -2.91 -5.46 13.80
N PHE A 139 -3.29 -4.62 12.85
CA PHE A 139 -3.48 -5.05 11.47
C PHE A 139 -2.40 -4.41 10.58
N PHE A 140 -1.48 -5.20 10.06
CA PHE A 140 -0.43 -4.67 9.18
C PHE A 140 -0.90 -4.52 7.74
N SER A 141 -0.48 -3.44 7.10
CA SER A 141 -0.71 -3.25 5.67
C SER A 141 0.54 -2.62 5.06
N ASP A 142 0.49 -2.29 3.78
CA ASP A 142 1.71 -1.90 3.12
C ASP A 142 1.83 -0.40 2.90
N SER A 143 0.77 0.36 3.18
CA SER A 143 0.85 1.81 3.03
C SER A 143 -0.10 2.56 3.96
N GLY A 144 0.25 3.81 4.21
CA GLY A 144 -0.54 4.66 5.06
C GLY A 144 -1.98 4.79 4.60
N SER A 145 -2.17 5.04 3.31
CA SER A 145 -3.51 5.22 2.78
C SER A 145 -4.34 3.96 3.02
N VAL A 146 -3.72 2.80 2.85
CA VAL A 146 -4.44 1.54 3.08
C VAL A 146 -4.77 1.40 4.57
N SER A 147 -3.85 1.78 5.45
CA SER A 147 -4.15 1.62 6.87
C SER A 147 -5.30 2.53 7.28
N VAL A 148 -5.46 3.65 6.60
CA VAL A 148 -6.61 4.54 6.85
C VAL A 148 -7.92 3.88 6.37
N GLU A 149 -7.89 3.22 5.21
CA GLU A 149 -9.06 2.50 4.73
C GLU A 149 -9.41 1.34 5.68
N VAL A 150 -8.39 0.70 6.24
CA VAL A 150 -8.60 -0.38 7.21
C VAL A 150 -9.25 0.17 8.49
N ALA A 151 -8.79 1.33 8.96
CA ALA A 151 -9.39 1.96 10.13
C ALA A 151 -10.88 2.26 9.87
N ALA A 152 -11.19 2.76 8.67
CA ALA A 152 -12.57 3.08 8.33
C ALA A 152 -13.41 1.80 8.28
N LYS A 153 -12.85 0.76 7.67
CA LYS A 153 -13.53 -0.52 7.59
C LYS A 153 -13.79 -1.08 8.99
N MET A 154 -12.81 -0.97 9.87
CA MET A 154 -12.98 -1.37 11.26
C MET A 154 -14.15 -0.64 11.90
N ALA A 155 -14.18 0.68 11.72
CA ALA A 155 -15.23 1.49 12.33
C ALA A 155 -16.60 1.10 11.77
N LEU A 156 -16.71 0.99 10.45
CA LEU A 156 -17.98 0.60 9.82
C LEU A 156 -18.42 -0.80 10.26
N GLN A 157 -17.50 -1.75 10.29
CA GLN A 157 -17.86 -3.12 10.67
C GLN A 157 -18.21 -3.22 12.15
N TYR A 158 -17.59 -2.36 12.96
CA TYR A 158 -17.90 -2.31 14.38
C TYR A 158 -19.38 -2.02 14.59
N TRP A 159 -19.86 -0.94 13.97
CA TRP A 159 -21.25 -0.56 14.19
C TRP A 159 -22.20 -1.57 13.55
N ARG A 160 -21.80 -2.17 12.43
CA ARG A 160 -22.59 -3.27 11.85
C ARG A 160 -22.68 -4.45 12.84
N GLY A 161 -21.59 -4.68 13.56
CA GLY A 161 -21.55 -5.68 14.61
C GLY A 161 -22.45 -5.35 15.79
N ARG A 162 -22.68 -4.07 16.03
CA ARG A 162 -23.58 -3.61 17.09
C ARG A 162 -25.03 -3.49 16.61
N GLY A 163 -25.26 -3.87 15.35
CA GLY A 163 -26.59 -3.78 14.77
C GLY A 163 -27.02 -2.36 14.45
N LEU A 164 -26.05 -1.49 14.19
CA LEU A 164 -26.35 -0.11 13.83
C LEU A 164 -25.66 0.30 12.54
N PRO A 165 -26.09 -0.27 11.40
CA PRO A 165 -25.45 -0.03 10.10
C PRO A 165 -25.65 1.39 9.56
N GLY A 166 -26.51 2.18 10.19
CA GLY A 166 -26.70 3.57 9.78
C GLY A 166 -25.53 4.46 10.19
N LYS A 167 -24.73 3.97 11.12
CA LYS A 167 -23.53 4.69 11.52
C LYS A 167 -22.43 4.38 10.51
N ARG A 168 -22.39 5.18 9.44
CA ARG A 168 -21.50 4.86 8.33
C ARG A 168 -20.71 6.05 7.80
N ARG A 169 -21.00 7.23 8.32
CA ARG A 169 -20.30 8.44 7.92
C ARG A 169 -19.12 8.74 8.82
N LEU A 170 -18.19 9.54 8.30
CA LEU A 170 -17.04 10.01 9.08
C LEU A 170 -17.14 11.51 9.33
N MET A 171 -16.63 11.95 10.47
CA MET A 171 -16.54 13.37 10.77
C MET A 171 -15.10 13.74 11.02
N THR A 172 -14.69 14.91 10.53
CA THR A 172 -13.35 15.40 10.81
C THR A 172 -13.43 16.91 10.85
N TRP A 173 -12.29 17.57 11.14
CA TRP A 173 -12.24 19.01 11.01
C TRP A 173 -11.48 19.37 9.74
N ARG A 174 -11.60 20.62 9.30
CA ARG A 174 -10.93 21.02 8.06
C ARG A 174 -9.42 21.08 8.26
N GLY A 175 -8.69 21.14 7.15
CA GLY A 175 -7.24 21.23 7.21
C GLY A 175 -6.52 19.89 7.17
N GLY A 176 -7.29 18.81 7.06
CA GLY A 176 -6.75 17.47 7.20
C GLY A 176 -6.24 16.80 5.94
N TYR A 177 -5.42 15.77 6.15
CA TYR A 177 -4.95 14.94 5.06
C TYR A 177 -4.81 13.52 5.56
N HIS A 178 -5.29 12.55 4.79
CA HIS A 178 -5.26 11.17 5.26
C HIS A 178 -4.89 10.17 4.18
N GLY A 179 -4.31 10.65 3.08
CA GLY A 179 -3.91 9.74 2.03
C GLY A 179 -4.66 9.95 0.73
N ASP A 180 -4.40 9.06 -0.24
CA ASP A 180 -4.84 9.31 -1.60
C ASP A 180 -5.80 8.26 -2.17
N THR A 181 -6.11 7.23 -1.40
CA THR A 181 -7.13 6.29 -1.87
C THR A 181 -8.51 6.92 -1.71
N PHE A 182 -9.51 6.38 -2.40
CA PHE A 182 -10.76 7.13 -2.53
C PHE A 182 -11.49 7.35 -1.20
N LEU A 183 -11.39 6.42 -0.25
CA LEU A 183 -12.00 6.67 1.06
C LEU A 183 -11.20 7.74 1.81
N ALA A 184 -9.89 7.58 1.85
CA ALA A 184 -9.03 8.56 2.51
C ALA A 184 -9.23 9.95 1.93
N MET A 185 -9.41 10.04 0.62
CA MET A 185 -9.65 11.33 -0.03
C MET A 185 -10.91 12.03 0.53
N SER A 186 -11.90 11.24 0.94
CA SER A 186 -13.18 11.79 1.36
C SER A 186 -13.08 12.58 2.67
N ILE A 187 -11.98 12.41 3.41
CA ILE A 187 -11.82 13.20 4.63
C ILE A 187 -10.67 14.20 4.53
N CYS A 188 -10.13 14.34 3.32
CA CYS A 188 -9.19 15.42 3.03
C CYS A 188 -9.96 16.74 3.04
N ASP A 189 -9.30 17.84 3.41
CA ASP A 189 -9.94 19.16 3.38
C ASP A 189 -10.60 19.43 2.02
N PRO A 190 -11.92 19.70 2.03
CA PRO A 190 -12.72 19.80 0.80
C PRO A 190 -12.40 20.99 -0.11
N HIS A 191 -11.91 22.08 0.45
CA HIS A 191 -11.68 23.28 -0.34
C HIS A 191 -10.21 23.59 -0.59
N GLY A 192 -9.37 23.49 0.44
CA GLY A 192 -7.97 23.79 0.27
C GLY A 192 -7.12 22.53 0.11
N GLY A 193 -7.76 21.37 0.22
CA GLY A 193 -7.03 20.12 0.18
C GLY A 193 -6.66 19.72 -1.23
N MET A 194 -5.70 18.82 -1.35
CA MET A 194 -5.21 18.44 -2.66
C MET A 194 -6.25 17.66 -3.46
N HIS A 195 -7.23 17.09 -2.77
CA HIS A 195 -8.24 16.28 -3.46
C HIS A 195 -9.55 17.03 -3.70
N SER A 196 -9.50 18.36 -3.67
CA SER A 196 -10.68 19.20 -3.80
C SER A 196 -11.49 19.02 -5.09
N LEU A 197 -10.80 18.67 -6.18
CA LEU A 197 -11.48 18.57 -7.46
C LEU A 197 -12.33 17.30 -7.55
N TRP A 198 -12.14 16.39 -6.59
CA TRP A 198 -12.83 15.09 -6.60
C TRP A 198 -14.08 15.04 -5.72
N THR A 199 -14.40 16.14 -5.04
CA THR A 199 -15.44 16.11 -4.01
C THR A 199 -16.76 15.54 -4.51
N ASP A 200 -17.09 15.82 -5.77
CA ASP A 200 -18.37 15.39 -6.32
C ASP A 200 -18.51 13.87 -6.53
N VAL A 201 -17.41 13.12 -6.46
CA VAL A 201 -17.48 11.67 -6.61
C VAL A 201 -17.11 10.93 -5.32
N LEU A 202 -16.69 11.68 -4.30
CA LEU A 202 -16.29 11.08 -3.03
C LEU A 202 -17.48 10.90 -2.10
N ALA A 203 -17.34 9.98 -1.14
CA ALA A 203 -18.28 9.88 -0.04
C ALA A 203 -18.38 11.25 0.63
N ALA A 204 -19.60 11.68 0.94
CA ALA A 204 -19.79 13.00 1.54
C ALA A 204 -19.73 12.90 3.05
N GLN A 205 -18.65 13.43 3.63
CA GLN A 205 -18.45 13.32 5.08
C GLN A 205 -18.80 14.61 5.79
N VAL A 206 -18.76 14.57 7.11
CA VAL A 206 -19.08 15.73 7.94
C VAL A 206 -17.82 16.50 8.32
N PHE A 207 -17.77 17.79 7.99
CA PHE A 207 -16.60 18.63 8.32
C PHE A 207 -16.91 19.75 9.31
N ALA A 208 -16.18 19.76 10.41
CA ALA A 208 -16.15 20.90 11.32
C ALA A 208 -15.15 21.93 10.79
N PRO A 209 -15.28 23.20 11.21
CA PRO A 209 -14.33 24.21 10.75
C PRO A 209 -12.88 23.89 11.14
N GLN A 210 -11.94 24.61 10.55
CA GLN A 210 -10.53 24.47 10.90
C GLN A 210 -10.31 24.60 12.41
N VAL A 211 -9.65 23.61 13.00
CA VAL A 211 -9.32 23.71 14.41
C VAL A 211 -8.22 24.77 14.61
N PRO A 212 -8.47 25.74 15.51
CA PRO A 212 -7.53 26.84 15.74
C PRO A 212 -6.27 26.37 16.47
N ARG A 213 -5.21 27.16 16.43
CA ARG A 213 -3.98 26.79 17.13
CA ARG A 213 -3.97 26.84 17.13
C ARG A 213 -4.16 26.90 18.64
N ASP A 214 -4.67 28.05 19.09
CA ASP A 214 -4.91 28.28 20.52
C ASP A 214 -6.21 27.64 20.96
N TYR A 215 -6.25 27.21 22.21
CA TYR A 215 -7.45 26.55 22.72
C TYR A 215 -8.59 27.52 22.95
N ASP A 216 -9.73 27.24 22.33
CA ASP A 216 -10.94 28.01 22.51
C ASP A 216 -12.10 27.07 22.79
N PRO A 217 -12.62 27.10 24.02
CA PRO A 217 -13.75 26.23 24.39
C PRO A 217 -14.95 26.38 23.45
N ALA A 218 -15.11 27.55 22.84
CA ALA A 218 -16.20 27.78 21.90
C ALA A 218 -16.10 26.85 20.70
N TYR A 219 -14.87 26.54 20.28
CA TYR A 219 -14.68 25.65 19.15
C TYR A 219 -15.15 24.24 19.51
N SER A 220 -14.74 23.77 20.68
CA SER A 220 -15.13 22.44 21.13
C SER A 220 -16.64 22.34 21.32
N ALA A 221 -17.24 23.39 21.86
CA ALA A 221 -18.69 23.41 22.03
C ALA A 221 -19.39 23.31 20.68
N ALA A 222 -18.88 24.02 19.68
CA ALA A 222 -19.49 23.99 18.35
C ALA A 222 -19.28 22.64 17.67
N PHE A 223 -18.12 22.03 17.89
CA PHE A 223 -17.82 20.70 17.35
C PHE A 223 -18.84 19.71 17.89
N GLU A 224 -19.07 19.76 19.19
CA GLU A 224 -20.01 18.85 19.84
C GLU A 224 -21.42 19.05 19.32
N ALA A 225 -21.82 20.30 19.13
CA ALA A 225 -23.17 20.58 18.65
C ALA A 225 -23.38 20.01 17.25
N GLN A 226 -22.35 20.10 16.42
CA GLN A 226 -22.41 19.57 15.07
C GLN A 226 -22.42 18.04 15.08
N LEU A 227 -21.53 17.44 15.86
CA LEU A 227 -21.50 15.99 16.00
C LEU A 227 -22.84 15.48 16.54
N ALA A 228 -23.41 16.20 17.49
CA ALA A 228 -24.66 15.81 18.12
C ALA A 228 -25.78 15.56 17.10
N GLN A 229 -25.91 16.43 16.12
CA GLN A 229 -27.01 16.27 15.18
C GLN A 229 -26.73 15.21 14.12
N HIS A 230 -25.51 14.69 14.07
CA HIS A 230 -25.17 13.65 13.10
C HIS A 230 -24.82 12.32 13.78
N ALA A 231 -24.95 12.25 15.09
CA ALA A 231 -24.37 11.13 15.84
C ALA A 231 -24.89 9.78 15.37
N GLY A 232 -26.18 9.71 15.03
CA GLY A 232 -26.80 8.47 14.62
C GLY A 232 -26.36 7.98 13.25
N GLU A 233 -25.68 8.84 12.50
CA GLU A 233 -25.15 8.40 11.20
C GLU A 233 -23.63 8.40 11.19
N LEU A 234 -23.00 8.76 12.30
CA LEU A 234 -21.53 8.81 12.34
C LEU A 234 -20.92 7.53 12.90
N ALA A 235 -20.05 6.91 12.12
CA ALA A 235 -19.27 5.79 12.62
C ALA A 235 -18.10 6.29 13.46
N ALA A 236 -17.45 7.37 13.03
CA ALA A 236 -16.24 7.77 13.72
C ALA A 236 -15.86 9.20 13.43
N VAL A 237 -15.12 9.78 14.36
CA VAL A 237 -14.38 11.00 14.14
C VAL A 237 -12.96 10.60 13.77
N VAL A 238 -12.42 11.14 12.68
CA VAL A 238 -11.06 10.82 12.28
C VAL A 238 -10.26 12.12 12.18
N VAL A 239 -9.16 12.22 12.91
CA VAL A 239 -8.33 13.42 12.86
C VAL A 239 -6.85 13.07 12.97
N GLU A 240 -6.00 13.98 12.49
CA GLU A 240 -4.57 14.00 12.85
C GLU A 240 -4.39 14.73 14.18
N PRO A 241 -3.83 14.03 15.19
CA PRO A 241 -3.66 14.71 16.50
C PRO A 241 -2.48 15.69 16.54
N VAL A 242 -2.78 16.91 17.02
CA VAL A 242 -1.81 17.97 17.32
C VAL A 242 -1.19 18.65 16.09
N VAL A 243 -0.74 17.86 15.12
CA VAL A 243 -0.15 18.40 13.91
C VAL A 243 -0.86 17.86 12.68
N GLN A 244 -1.38 18.79 11.88
CA GLN A 244 -1.93 18.46 10.59
C GLN A 244 -0.80 18.67 9.60
N GLY A 245 -0.37 17.61 8.94
CA GLY A 245 0.81 17.67 8.11
C GLY A 245 0.62 18.18 6.68
N ALA A 246 0.24 17.29 5.78
CA ALA A 246 0.23 17.63 4.37
C ALA A 246 -0.84 18.68 4.03
N GLY A 247 -1.75 18.91 4.98
CA GLY A 247 -2.78 19.90 4.77
C GLY A 247 -2.35 21.32 5.10
N GLY A 248 -1.14 21.49 5.62
CA GLY A 248 -0.66 22.84 5.89
C GLY A 248 0.23 23.02 7.10
N MET A 249 0.76 21.92 7.63
CA MET A 249 1.67 21.95 8.79
C MET A 249 1.12 22.82 9.93
N ARG A 250 -0.16 22.66 10.22
CA ARG A 250 -0.81 23.47 11.26
C ARG A 250 -0.77 22.75 12.59
N PHE A 251 -0.54 23.48 13.68
CA PHE A 251 -0.55 22.88 15.01
C PHE A 251 -1.83 23.27 15.74
N HIS A 252 -2.34 22.39 16.62
CA HIS A 252 -3.40 22.83 17.52
C HIS A 252 -3.13 22.35 18.93
N ASP A 253 -3.75 23.04 19.90
CA ASP A 253 -3.58 22.71 21.31
C ASP A 253 -4.05 21.29 21.62
N PRO A 254 -3.22 20.51 22.32
CA PRO A 254 -3.59 19.13 22.64
C PRO A 254 -4.89 19.02 23.44
N ARG A 255 -5.32 20.07 24.13
CA ARG A 255 -6.57 20.00 24.88
C ARG A 255 -7.79 19.72 23.99
N TYR A 256 -7.71 20.09 22.71
CA TYR A 256 -8.78 19.75 21.79
C TYR A 256 -9.01 18.24 21.69
N LEU A 257 -7.94 17.46 21.83
CA LEU A 257 -8.03 16.01 21.72
C LEU A 257 -8.73 15.44 22.95
N HIS A 258 -8.51 16.09 24.08
CA HIS A 258 -9.20 15.73 25.30
C HIS A 258 -10.70 15.93 25.11
N ASP A 259 -11.05 17.07 24.50
CA ASP A 259 -12.44 17.37 24.20
C ASP A 259 -13.04 16.38 23.19
N LEU A 260 -12.27 16.02 22.16
CA LEU A 260 -12.74 15.03 21.19
C LEU A 260 -13.02 13.69 21.85
N ARG A 261 -12.12 13.26 22.73
CA ARG A 261 -12.31 11.96 23.38
C ARG A 261 -13.57 11.97 24.24
N ASP A 262 -13.78 13.06 24.98
CA ASP A 262 -14.98 13.23 25.79
C ASP A 262 -16.26 13.21 24.94
N ILE A 263 -16.28 14.03 23.89
CA ILE A 263 -17.42 14.13 22.99
C ILE A 263 -17.75 12.77 22.36
N CYS A 264 -16.72 12.08 21.87
CA CYS A 264 -16.92 10.79 21.21
C CYS A 264 -17.44 9.75 22.19
N ARG A 265 -16.90 9.80 23.41
CA ARG A 265 -17.35 8.90 24.46
C ARG A 265 -18.84 9.10 24.78
N ARG A 266 -19.26 10.36 24.89
CA ARG A 266 -20.62 10.64 25.31
C ARG A 266 -21.64 10.39 24.21
N TYR A 267 -21.23 10.56 22.95
CA TYR A 267 -22.19 10.38 21.86
C TYR A 267 -22.03 9.04 21.14
N GLU A 268 -21.17 8.19 21.68
CA GLU A 268 -20.94 6.85 21.13
C GLU A 268 -20.54 6.94 19.66
N VAL A 269 -19.47 7.67 19.42
CA VAL A 269 -18.85 7.75 18.12
C VAL A 269 -17.42 7.28 18.37
N LEU A 270 -16.90 6.40 17.52
CA LEU A 270 -15.53 5.96 17.64
C LEU A 270 -14.56 7.10 17.36
N LEU A 271 -13.43 7.13 18.06
CA LEU A 271 -12.41 8.14 17.80
C LEU A 271 -11.22 7.49 17.11
N ILE A 272 -10.88 7.99 15.93
CA ILE A 272 -9.75 7.48 15.17
C ILE A 272 -8.64 8.52 15.05
N PHE A 273 -7.43 8.16 15.44
CA PHE A 273 -6.28 9.06 15.27
C PHE A 273 -5.39 8.58 14.13
N ASP A 274 -5.20 9.45 13.15
CA ASP A 274 -4.24 9.16 12.10
C ASP A 274 -2.88 9.71 12.54
N GLU A 275 -2.02 8.83 13.05
CA GLU A 275 -0.70 9.25 13.47
C GLU A 275 0.40 8.84 12.49
N ILE A 276 0.04 8.73 11.22
CA ILE A 276 1.01 8.29 10.23
C ILE A 276 2.16 9.30 10.07
N ALA A 277 1.87 10.58 10.25
CA ALA A 277 2.94 11.60 10.20
C ALA A 277 3.54 11.90 11.57
N THR A 278 2.72 11.78 12.62
CA THR A 278 3.13 12.27 13.94
C THR A 278 3.82 11.23 14.81
N GLY A 279 3.80 9.98 14.39
CA GLY A 279 4.27 8.92 15.25
C GLY A 279 5.77 8.86 15.46
N PHE A 280 6.18 8.10 16.47
CA PHE A 280 7.57 7.74 16.69
C PHE A 280 8.45 8.97 16.97
N GLY A 281 7.92 9.85 17.82
CA GLY A 281 8.72 10.89 18.42
C GLY A 281 8.70 12.23 17.73
N ARG A 282 8.10 12.30 16.54
CA ARG A 282 8.26 13.47 15.69
C ARG A 282 7.84 14.77 16.36
N THR A 283 6.74 14.74 17.14
CA THR A 283 6.24 15.97 17.78
C THR A 283 6.76 16.17 19.20
N GLY A 284 7.75 15.38 19.60
CA GLY A 284 8.31 15.51 20.94
C GLY A 284 7.70 14.56 21.94
N ALA A 285 6.59 13.92 21.57
CA ALA A 285 6.04 12.80 22.33
C ALA A 285 6.16 11.56 21.46
N LEU A 286 6.10 10.38 22.05
CA LEU A 286 6.26 9.17 21.26
C LEU A 286 5.17 9.12 20.18
N PHE A 287 3.94 9.35 20.61
CA PHE A 287 2.82 9.59 19.70
C PHE A 287 2.15 10.89 20.12
N ALA A 288 1.64 11.64 19.15
CA ALA A 288 1.10 12.97 19.46
C ALA A 288 -0.08 12.91 20.43
N ALA A 289 -0.82 11.81 20.40
CA ALA A 289 -1.93 11.57 21.33
C ALA A 289 -1.42 11.71 22.76
N ASP A 290 -0.16 11.36 22.97
CA ASP A 290 0.43 11.39 24.32
C ASP A 290 0.49 12.80 24.89
N HIS A 291 0.52 13.82 24.04
CA HIS A 291 0.47 15.21 24.51
C HIS A 291 -0.82 15.51 25.28
N ALA A 292 -1.84 14.67 25.09
CA ALA A 292 -3.13 14.91 25.74
C ALA A 292 -3.53 13.75 26.62
N GLY A 293 -2.70 12.71 26.64
CA GLY A 293 -2.96 11.54 27.45
C GLY A 293 -4.19 10.79 26.96
N VAL A 294 -4.53 11.02 25.69
CA VAL A 294 -5.76 10.46 25.12
C VAL A 294 -5.50 9.14 24.39
N SER A 295 -6.43 8.20 24.55
CA SER A 295 -6.43 6.97 23.77
C SER A 295 -7.60 6.96 22.79
N PRO A 296 -7.30 6.82 21.49
CA PRO A 296 -8.42 6.63 20.55
C PRO A 296 -8.88 5.19 20.53
N ASP A 297 -9.97 4.92 19.81
CA ASP A 297 -10.46 3.56 19.64
C ASP A 297 -9.66 2.83 18.56
N ILE A 298 -9.21 3.60 17.58
CA ILE A 298 -8.47 3.08 16.43
C ILE A 298 -7.34 4.05 16.12
N MET A 299 -6.19 3.54 15.72
CA MET A 299 -5.02 4.37 15.43
CA MET A 299 -5.07 4.42 15.38
C MET A 299 -4.28 3.86 14.20
N CYS A 300 -3.86 4.76 13.32
CA CYS A 300 -3.03 4.40 12.17
C CYS A 300 -1.61 4.91 12.36
N VAL A 301 -0.63 4.09 12.00
CA VAL A 301 0.77 4.51 11.99
C VAL A 301 1.44 4.04 10.69
N GLY A 302 2.51 4.72 10.33
CA GLY A 302 3.25 4.39 9.12
C GLY A 302 4.46 5.29 9.05
N LYS A 303 4.80 5.69 7.82
CA LYS A 303 5.95 6.54 7.52
C LYS A 303 7.18 6.15 8.35
N ALA A 304 7.36 6.73 9.53
CA ALA A 304 8.59 6.51 10.29
C ALA A 304 8.65 5.12 10.95
N LEU A 305 7.57 4.37 10.82
CA LEU A 305 7.50 3.01 11.36
C LEU A 305 8.69 2.15 10.95
N THR A 306 9.12 2.23 9.69
CA THR A 306 10.22 1.39 9.23
C THR A 306 11.56 2.12 9.22
N GLY A 307 11.60 3.32 9.80
CA GLY A 307 12.78 4.14 9.72
C GLY A 307 13.11 4.55 8.30
N GLY A 308 12.10 4.48 7.43
CA GLY A 308 12.25 4.98 6.08
C GLY A 308 12.92 4.00 5.13
N TYR A 309 12.93 2.72 5.47
CA TYR A 309 13.55 1.73 4.63
C TYR A 309 12.61 1.11 3.61
N LEU A 310 11.42 0.77 4.09
CA LEU A 310 10.46 0.00 3.32
C LEU A 310 9.04 0.44 3.65
N SER A 311 8.11 0.25 2.72
CA SER A 311 6.72 0.61 2.98
CA SER A 311 6.72 0.62 2.99
C SER A 311 6.09 -0.36 3.97
N LEU A 312 5.54 0.17 5.06
CA LEU A 312 4.77 -0.60 6.02
C LEU A 312 3.88 0.35 6.75
N ALA A 313 2.69 -0.12 7.11
CA ALA A 313 1.81 0.66 7.95
C ALA A 313 1.05 -0.28 8.87
N ALA A 314 0.39 0.28 9.87
CA ALA A 314 -0.36 -0.56 10.79
C ALA A 314 -1.58 0.18 11.29
N THR A 315 -2.65 -0.56 11.53
CA THR A 315 -3.86 -0.01 12.12
C THR A 315 -4.07 -0.76 13.41
N LEU A 316 -4.15 -0.04 14.53
CA LEU A 316 -4.40 -0.71 15.80
C LEU A 316 -5.82 -0.41 16.27
N CYS A 317 -6.41 -1.34 17.02
CA CYS A 317 -7.70 -1.02 17.64
C CYS A 317 -7.81 -1.71 18.99
N THR A 318 -8.78 -1.26 19.78
CA THR A 318 -9.02 -1.82 21.11
C THR A 318 -9.57 -3.24 21.00
N ALA A 319 -9.41 -4.00 22.08
CA ALA A 319 -9.98 -5.34 22.13
C ALA A 319 -11.50 -5.31 21.93
N ASP A 320 -12.16 -4.30 22.52
CA ASP A 320 -13.60 -4.14 22.35
C ASP A 320 -14.00 -4.00 20.87
N VAL A 321 -13.28 -3.17 20.13
CA VAL A 321 -13.60 -3.01 18.71
C VAL A 321 -13.37 -4.32 17.97
N ALA A 322 -12.25 -4.97 18.25
CA ALA A 322 -11.88 -6.20 17.56
C ALA A 322 -12.94 -7.29 17.81
N HIS A 323 -13.35 -7.41 19.06
CA HIS A 323 -14.29 -8.46 19.43
C HIS A 323 -15.68 -8.20 18.87
N THR A 324 -16.07 -6.94 18.79
CA THR A 324 -17.38 -6.58 18.26
C THR A 324 -17.43 -6.85 16.77
N ILE A 325 -16.34 -6.54 16.06
CA ILE A 325 -16.21 -6.93 14.67
C ILE A 325 -16.25 -8.47 14.58
N SER A 326 -15.47 -9.14 15.43
CA SER A 326 -15.29 -10.59 15.31
C SER A 326 -16.56 -11.36 15.63
N ALA A 327 -17.38 -10.81 16.52
CA ALA A 327 -18.60 -11.50 16.94
C ALA A 327 -19.78 -11.04 16.13
N GLY A 328 -19.52 -10.20 15.13
CA GLY A 328 -20.57 -9.70 14.26
C GLY A 328 -20.98 -10.73 13.23
N ALA A 329 -22.06 -10.43 12.49
CA ALA A 329 -22.58 -11.33 11.47
C ALA A 329 -21.53 -11.63 10.40
N ALA A 330 -20.61 -10.68 10.23
CA ALA A 330 -19.47 -10.87 9.34
C ALA A 330 -18.52 -11.92 9.90
N GLY A 331 -18.23 -11.82 11.20
CA GLY A 331 -17.33 -12.74 11.86
C GLY A 331 -15.87 -12.52 11.53
N ALA A 332 -15.60 -11.65 10.56
CA ALA A 332 -14.23 -11.42 10.10
C ALA A 332 -14.07 -10.01 9.55
N LEU A 333 -12.91 -9.42 9.81
CA LEU A 333 -12.52 -8.17 9.16
C LEU A 333 -12.11 -8.49 7.73
N MET A 334 -12.85 -7.98 6.76
CA MET A 334 -12.70 -8.39 5.37
C MET A 334 -11.62 -7.61 4.62
N HIS A 335 -10.38 -7.80 5.05
CA HIS A 335 -9.21 -7.15 4.47
C HIS A 335 -8.02 -8.08 4.62
N GLY A 336 -7.13 -8.09 3.64
CA GLY A 336 -5.98 -8.98 3.69
C GLY A 336 -5.01 -8.74 2.56
N PRO A 337 -4.13 -7.74 2.71
CA PRO A 337 -3.18 -7.38 1.66
C PRO A 337 -2.21 -8.53 1.37
N THR A 338 -1.81 -8.72 0.12
CA THR A 338 -0.88 -9.78 -0.24
C THR A 338 0.37 -9.82 0.60
N PHE A 339 0.98 -8.66 0.82
CA PHE A 339 2.23 -8.62 1.59
C PHE A 339 2.03 -8.25 3.05
N MET A 340 0.84 -8.54 3.56
CA MET A 340 0.52 -8.29 4.95
C MET A 340 1.60 -8.86 5.87
N ALA A 341 2.05 -8.02 6.79
CA ALA A 341 3.06 -8.39 7.79
C ALA A 341 4.35 -8.95 7.18
N ASN A 342 4.77 -8.40 6.04
CA ASN A 342 6.00 -8.81 5.38
C ASN A 342 7.19 -8.89 6.34
N PRO A 343 7.81 -10.08 6.45
CA PRO A 343 8.88 -10.28 7.43
C PRO A 343 10.02 -9.27 7.29
N LEU A 344 10.38 -8.90 6.07
CA LEU A 344 11.49 -7.94 5.89
C LEU A 344 11.13 -6.58 6.44
N ALA A 345 9.94 -6.09 6.09
CA ALA A 345 9.49 -4.78 6.56
C ALA A 345 9.30 -4.82 8.07
N CYS A 346 8.76 -5.92 8.59
CA CYS A 346 8.57 -6.02 10.04
C CYS A 346 9.88 -6.05 10.80
N ALA A 347 10.86 -6.75 10.24
CA ALA A 347 12.16 -6.88 10.89
C ALA A 347 12.89 -5.55 11.01
N VAL A 348 12.89 -4.76 9.94
CA VAL A 348 13.55 -3.47 10.01
C VAL A 348 12.75 -2.52 10.92
N SER A 349 11.42 -2.63 10.93
CA SER A 349 10.60 -1.82 11.81
CA SER A 349 10.60 -1.81 11.81
C SER A 349 10.90 -2.12 13.28
N VAL A 350 11.07 -3.40 13.60
CA VAL A 350 11.40 -3.78 14.97
C VAL A 350 12.71 -3.10 15.38
N ALA A 351 13.70 -3.20 14.51
CA ALA A 351 15.01 -2.59 14.79
C ALA A 351 14.88 -1.09 14.95
N SER A 352 14.06 -0.46 14.12
CA SER A 352 13.93 1.00 14.15
C SER A 352 13.26 1.47 15.45
N VAL A 353 12.22 0.76 15.87
CA VAL A 353 11.50 1.10 17.08
C VAL A 353 12.39 0.85 18.29
N GLU A 354 13.08 -0.28 18.30
CA GLU A 354 13.99 -0.59 19.40
C GLU A 354 15.14 0.41 19.51
N LEU A 355 15.66 0.85 18.36
CA LEU A 355 16.70 1.86 18.35
C LEU A 355 16.19 3.17 18.95
N LEU A 356 14.94 3.51 18.63
CA LEU A 356 14.36 4.73 19.14
C LEU A 356 14.18 4.63 20.65
N LEU A 357 13.60 3.52 21.10
CA LEU A 357 13.29 3.33 22.52
C LEU A 357 14.55 3.15 23.37
N GLY A 358 15.62 2.66 22.76
CA GLY A 358 16.84 2.35 23.47
C GLY A 358 17.75 3.54 23.74
N GLN A 359 17.34 4.71 23.27
CA GLN A 359 18.11 5.93 23.50
C GLN A 359 17.23 6.94 24.22
N ASP A 360 17.80 8.02 24.70
CA ASP A 360 16.99 9.07 25.29
C ASP A 360 16.40 9.94 24.18
N TRP A 361 15.38 9.42 23.52
CA TRP A 361 14.83 10.09 22.34
C TRP A 361 14.17 11.41 22.71
N ARG A 362 13.62 11.51 23.92
CA ARG A 362 12.89 12.72 24.30
C ARG A 362 13.84 13.92 24.43
N THR A 363 15.00 13.70 25.05
CA THR A 363 16.04 14.73 25.13
C THR A 363 16.56 15.08 23.74
N ARG A 364 16.77 14.06 22.90
CA ARG A 364 17.19 14.28 21.52
C ARG A 364 16.22 15.21 20.77
N ILE A 365 14.92 14.90 20.86
CA ILE A 365 13.92 15.70 20.15
C ILE A 365 13.83 17.10 20.74
N THR A 366 13.94 17.22 22.06
CA THR A 366 13.90 18.54 22.69
C THR A 366 15.07 19.40 22.20
N GLU A 367 16.23 18.77 22.01
CA GLU A 367 17.42 19.46 21.50
C GLU A 367 17.22 19.91 20.06
N LEU A 368 16.66 19.02 19.23
CA LEU A 368 16.31 19.36 17.87
C LEU A 368 15.36 20.55 17.81
N ALA A 369 14.29 20.48 18.60
CA ALA A 369 13.28 21.53 18.64
C ALA A 369 13.92 22.85 19.05
N ALA A 370 14.83 22.79 19.99
CA ALA A 370 15.51 24.01 20.44
C ALA A 370 16.39 24.58 19.34
N GLY A 371 17.05 23.70 18.60
CA GLY A 371 17.87 24.10 17.47
C GLY A 371 17.05 24.70 16.33
N LEU A 372 15.88 24.12 16.06
CA LEU A 372 15.00 24.67 15.04
C LEU A 372 14.47 26.05 15.43
N THR A 373 14.03 26.16 16.67
CA THR A 373 13.49 27.41 17.21
C THR A 373 14.52 28.53 17.11
N ALA A 374 15.72 28.27 17.60
CA ALA A 374 16.80 29.27 17.57
C ALA A 374 17.21 29.63 16.15
N GLY A 375 17.24 28.63 15.27
CA GLY A 375 17.68 28.84 13.90
C GLY A 375 16.67 29.56 13.01
N LEU A 376 15.38 29.40 13.31
CA LEU A 376 14.34 30.02 12.49
C LEU A 376 13.88 31.37 13.01
N ASP A 377 14.34 31.77 14.20
CA ASP A 377 13.87 33.02 14.80
C ASP A 377 14.04 34.24 13.91
N THR A 378 15.14 34.33 13.15
CA THR A 378 15.36 35.51 12.32
C THR A 378 14.43 35.55 11.10
N ALA A 379 13.73 34.45 10.81
CA ALA A 379 12.79 34.50 9.71
C ALA A 379 11.55 35.32 10.06
N ARG A 380 11.26 35.46 11.35
CA ARG A 380 10.02 36.14 11.78
C ARG A 380 10.00 37.58 11.28
N ALA A 381 11.17 38.17 11.11
CA ALA A 381 11.29 39.56 10.70
C ALA A 381 11.25 39.77 9.18
N LEU A 382 11.33 38.67 8.41
CA LEU A 382 11.39 38.78 6.95
C LEU A 382 10.06 39.26 6.39
N PRO A 383 10.10 40.10 5.35
CA PRO A 383 8.91 40.72 4.76
C PRO A 383 7.87 39.71 4.25
N ALA A 384 8.29 38.56 3.77
CA ALA A 384 7.36 37.60 3.18
C ALA A 384 6.90 36.54 4.16
N VAL A 385 7.34 36.63 5.41
CA VAL A 385 7.05 35.61 6.40
C VAL A 385 5.89 36.03 7.29
N THR A 386 4.89 35.15 7.39
CA THR A 386 3.69 35.44 8.18
C THR A 386 3.67 34.69 9.51
N ASP A 387 4.40 33.58 9.58
CA ASP A 387 4.51 32.85 10.84
C ASP A 387 5.72 31.93 10.87
N VAL A 388 6.25 31.71 12.07
CA VAL A 388 7.27 30.70 12.31
C VAL A 388 6.81 29.84 13.49
N ARG A 389 6.80 28.53 13.31
CA ARG A 389 6.35 27.66 14.38
C ARG A 389 7.13 26.36 14.38
N VAL A 390 7.37 25.85 15.58
CA VAL A 390 8.13 24.62 15.80
C VAL A 390 7.37 23.73 16.78
N CYS A 391 7.32 22.45 16.45
CA CYS A 391 6.74 21.45 17.35
C CYS A 391 7.61 20.20 17.28
N GLY A 392 8.35 19.91 18.35
CA GLY A 392 9.31 18.83 18.31
C GLY A 392 10.28 18.95 17.14
N ALA A 393 10.43 17.89 16.37
CA ALA A 393 11.35 17.94 15.24
C ALA A 393 10.63 18.34 13.96
N ILE A 394 9.78 19.36 14.06
CA ILE A 394 9.09 19.94 12.94
C ILE A 394 9.31 21.45 12.94
N GLY A 395 9.90 21.99 11.88
CA GLY A 395 10.10 23.44 11.86
C GLY A 395 9.42 24.03 10.64
N VAL A 396 8.66 25.10 10.82
CA VAL A 396 7.88 25.65 9.72
C VAL A 396 8.03 27.16 9.59
N ILE A 397 8.33 27.62 8.37
CA ILE A 397 8.19 29.03 8.02
C ILE A 397 6.99 29.18 7.09
N GLU A 398 5.97 29.91 7.52
CA GLU A 398 4.81 30.14 6.67
C GLU A 398 4.94 31.48 5.96
N CYS A 399 4.86 31.46 4.62
CA CYS A 399 5.11 32.65 3.81
C CYS A 399 3.83 33.28 3.31
N ASP A 400 3.93 34.50 2.77
CA ASP A 400 2.72 35.24 2.38
C ASP A 400 2.27 34.92 0.96
N ARG A 401 2.99 34.01 0.31
CA ARG A 401 2.72 33.62 -1.06
C ARG A 401 3.16 32.18 -1.26
N PRO A 402 2.61 31.50 -2.27
CA PRO A 402 3.08 30.14 -2.58
C PRO A 402 4.57 30.13 -2.93
N VAL A 403 5.28 29.13 -2.44
CA VAL A 403 6.72 29.08 -2.68
C VAL A 403 7.04 28.48 -4.04
N ASP A 404 7.76 29.24 -4.85
CA ASP A 404 8.18 28.75 -6.17
C ASP A 404 9.39 27.80 -6.05
N LEU A 405 9.19 26.54 -6.43
CA LEU A 405 10.25 25.54 -6.31
C LEU A 405 11.45 25.83 -7.22
N ALA A 406 11.19 26.53 -8.32
CA ALA A 406 12.25 26.88 -9.26
C ALA A 406 13.27 27.83 -8.62
N VAL A 407 12.82 28.59 -7.62
CA VAL A 407 13.71 29.47 -6.89
C VAL A 407 14.22 28.75 -5.63
N ALA A 408 13.30 28.13 -4.89
CA ALA A 408 13.65 27.50 -3.62
C ALA A 408 14.65 26.34 -3.75
N THR A 409 14.45 25.47 -4.74
CA THR A 409 15.28 24.26 -4.80
C THR A 409 16.76 24.58 -5.03
N PRO A 410 17.10 25.39 -6.05
CA PRO A 410 18.54 25.66 -6.17
C PRO A 410 19.10 26.47 -5.00
N ALA A 411 18.30 27.37 -4.41
CA ALA A 411 18.76 28.17 -3.30
C ALA A 411 19.14 27.29 -2.13
N ALA A 412 18.33 26.25 -1.89
CA ALA A 412 18.65 25.33 -0.82
C ALA A 412 19.84 24.45 -1.20
N LEU A 413 19.86 23.94 -2.43
CA LEU A 413 20.96 23.08 -2.89
C LEU A 413 22.30 23.83 -2.85
N ASP A 414 22.26 25.14 -3.11
CA ASP A 414 23.45 25.98 -3.04
C ASP A 414 24.01 26.04 -1.62
N ARG A 415 23.16 25.77 -0.66
CA ARG A 415 23.56 25.81 0.74
C ARG A 415 23.66 24.42 1.34
N GLY A 416 23.70 23.41 0.48
CA GLY A 416 23.97 22.04 0.89
C GLY A 416 22.80 21.38 1.62
N VAL A 417 21.59 21.79 1.28
CA VAL A 417 20.39 21.26 1.95
C VAL A 417 19.30 20.88 0.96
N TRP A 418 18.74 19.68 1.11
CA TRP A 418 17.58 19.29 0.34
C TRP A 418 16.31 19.73 1.09
N LEU A 419 15.61 20.71 0.51
CA LEU A 419 14.34 21.18 1.04
C LEU A 419 13.29 21.00 -0.02
N ARG A 420 12.08 20.64 0.41
CA ARG A 420 10.96 20.51 -0.51
C ARG A 420 9.76 21.28 0.02
N PRO A 421 9.68 22.58 -0.28
CA PRO A 421 8.49 23.35 0.12
C PRO A 421 7.23 22.83 -0.55
N PHE A 422 6.08 23.14 0.05
CA PHE A 422 4.79 22.97 -0.63
C PHE A 422 3.86 24.08 -0.18
N ARG A 423 2.84 24.37 -0.99
CA ARG A 423 1.95 25.48 -0.70
CA ARG A 423 1.95 25.47 -0.69
C ARG A 423 2.80 26.71 -0.40
N ASN A 424 2.52 27.40 0.69
CA ASN A 424 3.29 28.57 1.10
C ASN A 424 4.23 28.26 2.27
N LEU A 425 4.67 27.01 2.37
CA LEU A 425 5.44 26.57 3.54
C LEU A 425 6.86 26.15 3.18
N VAL A 426 7.82 26.70 3.91
CA VAL A 426 9.19 26.21 3.89
C VAL A 426 9.38 25.50 5.22
N TYR A 427 9.59 24.19 5.19
CA TYR A 427 9.57 23.44 6.44
C TYR A 427 10.62 22.33 6.43
N ALA A 428 10.93 21.83 7.62
CA ALA A 428 11.89 20.75 7.73
C ALA A 428 11.38 19.76 8.74
N MET A 429 11.65 18.49 8.48
CA MET A 429 11.40 17.46 9.47
C MET A 429 12.65 16.59 9.45
N PRO A 430 13.69 17.03 10.15
CA PRO A 430 15.02 16.45 10.05
C PRO A 430 15.15 15.10 10.71
N PRO A 431 16.10 14.27 10.23
CA PRO A 431 16.42 13.04 10.97
C PRO A 431 16.82 13.35 12.41
N TYR A 432 16.53 12.44 13.34
CA TYR A 432 16.83 12.68 14.76
C TYR A 432 18.32 12.62 15.02
N ILE A 433 19.08 12.10 14.07
CA ILE A 433 20.52 11.98 14.23
C ILE A 433 21.27 13.25 13.81
N CYS A 434 20.53 14.30 13.43
CA CYS A 434 21.18 15.54 13.02
C CYS A 434 21.87 16.22 14.20
N THR A 435 23.15 16.52 14.02
CA THR A 435 23.91 17.29 15.00
C THR A 435 23.40 18.73 15.05
N PRO A 436 23.72 19.46 16.13
CA PRO A 436 23.35 20.88 16.21
C PRO A 436 23.88 21.69 15.03
N ALA A 437 25.11 21.43 14.59
CA ALA A 437 25.65 22.13 13.41
C ALA A 437 24.81 21.88 12.15
N GLU A 438 24.35 20.64 11.99
CA GLU A 438 23.54 20.26 10.83
C GLU A 438 22.17 20.93 10.88
N ILE A 439 21.60 21.01 12.07
CA ILE A 439 20.31 21.70 12.24
C ILE A 439 20.48 23.19 11.92
N THR A 440 21.56 23.80 12.40
CA THR A 440 21.87 25.17 12.03
C THR A 440 22.00 25.38 10.52
N GLN A 441 22.66 24.43 9.84
CA GLN A 441 22.78 24.50 8.39
C GLN A 441 21.40 24.43 7.74
N ILE A 442 20.56 23.53 8.25
CA ILE A 442 19.21 23.39 7.71
C ILE A 442 18.39 24.68 7.91
N THR A 443 18.38 25.21 9.13
CA THR A 443 17.57 26.41 9.40
C THR A 443 18.11 27.60 8.61
N SER A 444 19.43 27.70 8.46
CA SER A 444 20.01 28.79 7.67
CA SER A 444 20.02 28.78 7.66
C SER A 444 19.51 28.76 6.23
N ALA A 445 19.46 27.57 5.62
CA ALA A 445 18.96 27.43 4.26
C ALA A 445 17.48 27.81 4.18
N MET A 446 16.71 27.40 5.18
CA MET A 446 15.28 27.71 5.20
C MET A 446 15.06 29.22 5.25
N VAL A 447 15.84 29.89 6.10
CA VAL A 447 15.72 31.34 6.21
C VAL A 447 16.09 32.02 4.88
N GLU A 448 17.13 31.54 4.23
CA GLU A 448 17.54 32.14 2.95
C GLU A 448 16.53 31.85 1.83
N VAL A 449 15.87 30.69 1.87
CA VAL A 449 14.77 30.43 0.96
C VAL A 449 13.64 31.40 1.20
N ALA A 450 13.31 31.64 2.46
CA ALA A 450 12.23 32.57 2.80
C ALA A 450 12.58 33.99 2.41
N ARG A 451 13.86 34.34 2.54
CA ARG A 451 14.32 35.68 2.15
C ARG A 451 14.16 35.87 0.65
N LEU A 452 14.46 34.82 -0.11
CA LEU A 452 14.32 34.86 -1.56
C LEU A 452 12.85 34.92 -2.00
N VAL A 453 11.96 34.33 -1.22
CA VAL A 453 10.53 34.39 -1.52
C VAL A 453 10.04 35.82 -1.63
N GLY A 454 10.50 36.67 -0.72
CA GLY A 454 10.12 38.07 -0.72
C GLY A 454 11.06 38.98 -1.48
N SER A 455 11.94 38.39 -2.28
CA SER A 455 12.85 39.15 -3.14
C SER A 455 12.25 39.39 -4.52
N GLY B 27 14.08 -11.99 20.48
CA GLY B 27 13.95 -13.43 20.35
C GLY B 27 12.61 -13.95 20.86
N LEU B 28 12.05 -14.92 20.14
CA LEU B 28 10.80 -15.56 20.52
C LEU B 28 10.74 -17.02 20.07
N THR B 29 10.39 -17.90 21.00
CA THR B 29 10.10 -19.30 20.70
C THR B 29 8.78 -19.41 19.96
N PRO B 30 8.57 -20.51 19.21
CA PRO B 30 7.28 -20.72 18.55
C PRO B 30 6.05 -20.63 19.47
N GLU B 31 6.14 -21.13 20.71
CA GLU B 31 5.04 -21.00 21.66
C GLU B 31 4.74 -19.53 22.02
N GLN B 32 5.80 -18.75 22.20
CA GLN B 32 5.64 -17.33 22.51
C GLN B 32 5.05 -16.58 21.32
N ILE B 33 5.45 -16.97 20.11
CA ILE B 33 4.90 -16.39 18.89
C ILE B 33 3.40 -16.64 18.81
N ILE B 34 2.98 -17.88 19.06
CA ILE B 34 1.56 -18.22 19.02
C ILE B 34 0.77 -17.42 20.05
N ALA B 35 1.33 -17.27 21.25
CA ALA B 35 0.72 -16.49 22.32
C ALA B 35 0.54 -15.02 21.94
N VAL B 36 1.60 -14.42 21.43
CA VAL B 36 1.53 -13.02 20.99
C VAL B 36 0.54 -12.88 19.85
N ASP B 37 0.63 -13.80 18.90
CA ASP B 37 -0.22 -13.76 17.71
C ASP B 37 -1.69 -13.84 18.07
N GLY B 38 -2.04 -14.76 18.96
CA GLY B 38 -3.43 -14.96 19.33
C GLY B 38 -4.02 -13.75 20.02
N ALA B 39 -3.18 -13.02 20.74
CA ALA B 39 -3.63 -11.88 21.53
C ALA B 39 -3.66 -10.58 20.74
N HIS B 40 -2.76 -10.45 19.76
CA HIS B 40 -2.51 -9.12 19.21
C HIS B 40 -2.50 -8.99 17.68
N LEU B 41 -2.49 -10.10 16.94
CA LEU B 41 -2.35 -9.98 15.49
C LEU B 41 -3.61 -10.33 14.72
N TRP B 42 -4.05 -9.40 13.88
CA TRP B 42 -5.05 -9.68 12.86
C TRP B 42 -4.43 -10.44 11.71
N HIS B 43 -5.13 -11.45 11.22
CA HIS B 43 -4.73 -12.15 10.00
C HIS B 43 -5.72 -11.82 8.89
N PRO B 44 -5.36 -12.12 7.63
CA PRO B 44 -6.26 -11.77 6.51
C PRO B 44 -7.65 -12.37 6.65
N TYR B 45 -8.67 -11.54 6.43
CA TYR B 45 -10.06 -12.00 6.41
CA TYR B 45 -10.05 -12.01 6.38
C TYR B 45 -10.39 -12.92 7.56
N SER B 46 -10.00 -12.51 8.77
CA SER B 46 -10.21 -13.34 9.94
C SER B 46 -10.71 -12.55 11.14
N SER B 47 -10.82 -13.25 12.26
CA SER B 47 -11.26 -12.66 13.51
C SER B 47 -10.16 -12.64 14.55
N ILE B 48 -10.38 -11.88 15.61
CA ILE B 48 -9.58 -11.99 16.82
C ILE B 48 -10.37 -12.85 17.80
N GLY B 49 -9.77 -13.94 18.26
CA GLY B 49 -10.37 -14.72 19.34
C GLY B 49 -11.18 -15.93 18.95
N ARG B 50 -11.64 -16.02 17.69
CA ARG B 50 -12.45 -17.17 17.29
C ARG B 50 -12.05 -17.76 15.95
N GLU B 51 -10.75 -17.76 15.65
CA GLU B 51 -10.26 -18.50 14.50
C GLU B 51 -10.34 -19.99 14.80
N ALA B 52 -11.02 -20.73 13.94
CA ALA B 52 -11.20 -22.17 14.11
C ALA B 52 -9.86 -22.90 14.16
N VAL B 53 -8.92 -22.43 13.34
CA VAL B 53 -7.58 -23.02 13.31
C VAL B 53 -6.52 -21.95 13.61
N SER B 54 -5.65 -22.25 14.56
CA SER B 54 -4.54 -21.35 14.88
C SER B 54 -3.57 -21.27 13.71
N PRO B 55 -2.98 -20.09 13.46
CA PRO B 55 -1.96 -20.03 12.42
C PRO B 55 -0.76 -20.92 12.76
N VAL B 56 -0.08 -21.39 11.74
CA VAL B 56 1.12 -22.19 11.90
C VAL B 56 2.35 -21.27 11.86
N VAL B 57 3.31 -21.50 12.75
CA VAL B 57 4.53 -20.68 12.80
C VAL B 57 5.50 -21.04 11.69
N ALA B 58 5.87 -20.04 10.88
CA ALA B 58 6.91 -20.20 9.87
C ALA B 58 8.21 -19.64 10.42
N VAL B 59 9.30 -20.40 10.29
CA VAL B 59 10.57 -19.95 10.86
C VAL B 59 11.66 -19.79 9.81
N ALA B 60 11.47 -20.34 8.62
CA ALA B 60 12.42 -20.12 7.53
C ALA B 60 11.75 -20.38 6.19
N ALA B 61 12.38 -19.89 5.12
CA ALA B 61 11.94 -20.18 3.76
C ALA B 61 13.15 -20.12 2.84
N HIS B 62 13.30 -21.15 2.01
CA HIS B 62 14.43 -21.19 1.10
C HIS B 62 14.05 -22.01 -0.12
N GLY B 63 14.26 -21.43 -1.30
CA GLY B 63 13.88 -22.10 -2.53
C GLY B 63 12.37 -22.29 -2.54
N ALA B 64 11.91 -23.47 -2.94
CA ALA B 64 10.49 -23.75 -3.00
C ALA B 64 9.92 -24.21 -1.67
N TRP B 65 10.73 -24.14 -0.62
CA TRP B 65 10.40 -24.77 0.65
C TRP B 65 10.25 -23.81 1.84
N LEU B 66 9.23 -24.06 2.65
CA LEU B 66 9.03 -23.35 3.90
C LEU B 66 9.39 -24.27 5.04
N THR B 67 9.95 -23.70 6.11
CA THR B 67 10.11 -24.46 7.33
C THR B 67 9.03 -24.05 8.31
N LEU B 68 8.14 -24.97 8.64
CA LEU B 68 7.02 -24.67 9.52
C LEU B 68 7.13 -25.46 10.82
N ILE B 69 6.48 -24.98 11.87
CA ILE B 69 6.46 -25.71 13.13
C ILE B 69 5.18 -26.52 13.25
N ARG B 70 5.32 -27.84 13.27
CA ARG B 70 4.18 -28.72 13.46
C ARG B 70 4.39 -29.54 14.73
N ASP B 71 3.50 -29.33 15.69
CA ASP B 71 3.58 -29.99 16.99
C ASP B 71 4.96 -29.81 17.63
N GLY B 72 5.54 -28.61 17.46
CA GLY B 72 6.82 -28.31 18.05
C GLY B 72 8.02 -28.67 17.19
N GLN B 73 7.80 -29.46 16.15
CA GLN B 73 8.89 -29.89 15.29
C GLN B 73 8.96 -29.08 14.01
N PRO B 74 10.14 -28.51 13.71
CA PRO B 74 10.33 -27.84 12.43
C PRO B 74 10.34 -28.85 11.28
N ILE B 75 9.45 -28.66 10.31
CA ILE B 75 9.40 -29.52 9.14
C ILE B 75 9.48 -28.68 7.87
N GLU B 76 10.10 -29.22 6.83
CA GLU B 76 10.16 -28.52 5.56
C GLU B 76 9.02 -28.96 4.64
N VAL B 77 8.27 -27.99 4.12
CA VAL B 77 7.15 -28.27 3.25
C VAL B 77 7.20 -27.37 2.02
N LEU B 78 6.65 -27.85 0.91
CA LEU B 78 6.65 -27.11 -0.33
C LEU B 78 5.67 -25.94 -0.29
N ASP B 79 6.11 -24.78 -0.76
CA ASP B 79 5.25 -23.61 -0.84
C ASP B 79 4.44 -23.69 -2.13
N ALA B 80 3.40 -24.53 -2.13
CA ALA B 80 2.64 -24.78 -3.34
C ALA B 80 1.89 -23.53 -3.83
N MET B 81 1.74 -22.54 -2.96
CA MET B 81 0.99 -21.32 -3.27
C MET B 81 1.89 -20.18 -3.75
N SER B 82 3.20 -20.40 -3.76
CA SER B 82 4.19 -19.34 -3.97
C SER B 82 3.91 -18.16 -3.06
N SER B 83 3.48 -18.44 -1.83
CA SER B 83 3.16 -17.37 -0.88
C SER B 83 2.23 -16.34 -1.50
N TRP B 84 1.08 -16.84 -1.96
CA TRP B 84 0.05 -16.03 -2.61
C TRP B 84 0.51 -15.39 -3.90
N TRP B 85 1.06 -16.22 -4.79
CA TRP B 85 1.42 -15.84 -6.16
C TRP B 85 2.73 -15.07 -6.28
N THR B 86 3.41 -14.81 -5.16
CA THR B 86 4.51 -13.85 -5.22
C THR B 86 5.87 -14.47 -5.53
N ALA B 87 6.12 -15.66 -4.98
CA ALA B 87 7.48 -16.20 -4.93
C ALA B 87 7.84 -17.00 -6.17
N ILE B 88 7.81 -16.36 -7.33
CA ILE B 88 8.00 -17.08 -8.59
C ILE B 88 9.40 -17.70 -8.75
N HIS B 89 10.41 -17.11 -8.11
CA HIS B 89 11.77 -17.65 -8.18
C HIS B 89 12.12 -18.41 -6.90
N GLY B 90 11.11 -18.69 -6.08
CA GLY B 90 11.32 -19.29 -4.78
C GLY B 90 11.83 -18.26 -3.79
N HIS B 91 12.04 -18.69 -2.56
CA HIS B 91 12.51 -17.80 -1.50
C HIS B 91 14.03 -17.79 -1.42
N GLY B 92 14.59 -16.62 -1.07
CA GLY B 92 16.03 -16.50 -0.91
C GLY B 92 16.80 -16.90 -2.15
N HIS B 93 16.33 -16.49 -3.31
CA HIS B 93 17.10 -16.70 -4.53
C HIS B 93 18.36 -15.81 -4.45
N PRO B 94 19.54 -16.40 -4.67
CA PRO B 94 20.79 -15.67 -4.53
C PRO B 94 20.88 -14.38 -5.37
N ALA B 95 20.33 -14.40 -6.59
CA ALA B 95 20.41 -13.22 -7.44
C ALA B 95 19.57 -12.08 -6.88
N LEU B 96 18.44 -12.43 -6.27
CA LEU B 96 17.54 -11.42 -5.75
C LEU B 96 18.05 -10.91 -4.40
N ASP B 97 18.56 -11.82 -3.57
CA ASP B 97 19.14 -11.44 -2.27
C ASP B 97 20.27 -10.45 -2.51
N GLN B 98 21.10 -10.76 -3.50
CA GLN B 98 22.26 -9.95 -3.86
C GLN B 98 21.86 -8.55 -4.33
N ALA B 99 20.82 -8.47 -5.16
CA ALA B 99 20.37 -7.19 -5.67
C ALA B 99 19.93 -6.30 -4.52
N LEU B 100 19.24 -6.91 -3.56
CA LEU B 100 18.72 -6.17 -2.42
C LEU B 100 19.87 -5.65 -1.56
N THR B 101 20.80 -6.52 -1.19
CA THR B 101 21.90 -6.10 -0.33
C THR B 101 22.83 -5.10 -1.03
N THR B 102 22.95 -5.21 -2.35
CA THR B 102 23.76 -4.26 -3.12
C THR B 102 23.15 -2.86 -3.06
N GLN B 103 21.84 -2.77 -3.25
CA GLN B 103 21.16 -1.48 -3.16
C GLN B 103 21.18 -0.94 -1.73
N LEU B 104 21.08 -1.85 -0.77
CA LEU B 104 21.01 -1.44 0.62
C LEU B 104 22.29 -0.69 1.05
N ARG B 105 23.40 -1.07 0.46
CA ARG B 105 24.69 -0.48 0.81
C ARG B 105 24.89 0.92 0.23
N VAL B 106 24.08 1.28 -0.76
CA VAL B 106 24.27 2.57 -1.40
C VAL B 106 23.15 3.57 -1.09
N MET B 107 21.90 3.12 -1.12
CA MET B 107 20.77 4.02 -0.94
C MET B 107 19.50 3.24 -0.63
N ASN B 108 19.06 3.27 0.62
CA ASN B 108 17.89 2.50 1.01
C ASN B 108 16.62 3.07 0.40
N HIS B 109 16.45 4.38 0.49
CA HIS B 109 15.23 5.05 0.07
C HIS B 109 15.44 6.55 0.05
N VAL B 110 14.90 7.20 -0.98
CA VAL B 110 14.80 8.63 -0.99
C VAL B 110 13.41 8.96 -1.48
N MET B 111 12.93 10.16 -1.19
CA MET B 111 11.60 10.57 -1.63
C MET B 111 11.59 10.79 -3.13
N PHE B 112 10.49 10.37 -3.76
CA PHE B 112 10.36 10.47 -5.21
C PHE B 112 9.78 11.83 -5.60
N GLY B 113 9.50 12.68 -4.61
CA GLY B 113 9.08 14.03 -4.89
C GLY B 113 10.30 14.93 -5.13
N GLY B 114 10.60 15.19 -6.39
CA GLY B 114 11.69 16.08 -6.73
C GLY B 114 13.00 15.36 -7.04
N LEU B 115 13.06 14.06 -6.73
CA LEU B 115 14.25 13.25 -6.94
C LEU B 115 13.92 12.03 -7.77
N THR B 116 14.91 11.50 -8.46
CA THR B 116 14.75 10.23 -9.15
C THR B 116 16.01 9.41 -8.93
N HIS B 117 16.02 8.16 -9.39
CA HIS B 117 17.16 7.31 -9.09
C HIS B 117 17.23 6.15 -10.07
N GLU B 118 18.37 5.45 -10.06
CA GLU B 118 18.63 4.42 -11.04
C GLU B 118 17.68 3.19 -10.94
N PRO B 119 17.40 2.70 -9.72
CA PRO B 119 16.46 1.57 -9.66
C PRO B 119 15.09 1.87 -10.28
N ALA B 120 14.54 3.05 -10.04
CA ALA B 120 13.25 3.43 -10.61
C ALA B 120 13.35 3.45 -12.14
N ALA B 121 14.42 4.06 -12.62
CA ALA B 121 14.61 4.22 -14.07
C ALA B 121 14.82 2.88 -14.74
N ARG B 122 15.65 2.03 -14.12
CA ARG B 122 15.91 0.72 -14.69
C ARG B 122 14.62 -0.11 -14.73
N LEU B 123 13.83 -0.05 -13.67
CA LEU B 123 12.62 -0.87 -13.62
C LEU B 123 11.58 -0.35 -14.61
N ALA B 124 11.40 0.96 -14.64
CA ALA B 124 10.46 1.58 -15.58
C ALA B 124 10.76 1.18 -17.03
N LYS B 125 12.04 1.28 -17.40
CA LYS B 125 12.50 0.90 -18.72
C LYS B 125 12.19 -0.57 -19.03
N LEU B 126 12.43 -1.45 -18.05
CA LEU B 126 12.14 -2.86 -18.19
C LEU B 126 10.66 -3.10 -18.43
N LEU B 127 9.82 -2.51 -17.57
CA LEU B 127 8.38 -2.73 -17.61
C LEU B 127 7.77 -2.20 -18.89
N VAL B 128 8.23 -1.05 -19.36
CA VAL B 128 7.64 -0.55 -20.61
C VAL B 128 8.06 -1.43 -21.78
N ASP B 129 9.25 -2.03 -21.70
CA ASP B 129 9.70 -2.87 -22.82
C ASP B 129 8.97 -4.21 -22.91
N ILE B 130 8.58 -4.79 -21.78
CA ILE B 130 8.05 -6.15 -21.80
C ILE B 130 6.52 -6.24 -21.71
N THR B 131 5.88 -5.12 -21.42
CA THR B 131 4.42 -5.10 -21.34
C THR B 131 3.83 -4.94 -22.72
N PRO B 132 2.52 -5.22 -22.87
CA PRO B 132 1.87 -5.04 -24.17
C PRO B 132 2.17 -3.70 -24.82
N ALA B 133 2.14 -3.67 -26.15
CA ALA B 133 2.53 -2.48 -26.90
C ALA B 133 1.74 -1.25 -26.50
N GLY B 134 2.42 -0.12 -26.38
CA GLY B 134 1.73 1.14 -26.19
C GLY B 134 1.75 1.66 -24.77
N LEU B 135 2.07 0.80 -23.82
CA LEU B 135 2.12 1.22 -22.41
C LEU B 135 3.50 1.80 -22.13
N ASP B 136 3.61 3.11 -22.03
CA ASP B 136 4.94 3.72 -21.98
C ASP B 136 5.15 4.64 -20.79
N THR B 137 4.21 4.69 -19.86
CA THR B 137 4.39 5.49 -18.65
C THR B 137 4.09 4.63 -17.43
N VAL B 138 4.87 4.80 -16.37
CA VAL B 138 4.77 3.96 -15.19
C VAL B 138 4.57 4.78 -13.93
N PHE B 139 3.51 4.46 -13.18
CA PHE B 139 3.27 5.06 -11.87
C PHE B 139 3.43 3.98 -10.81
N PHE B 140 4.48 4.08 -10.00
CA PHE B 140 4.74 3.11 -8.95
C PHE B 140 3.90 3.36 -7.69
N SER B 141 3.43 2.28 -7.09
CA SER B 141 2.81 2.37 -5.77
C SER B 141 3.22 1.18 -4.91
N ASP B 142 2.62 1.11 -3.73
CA ASP B 142 3.10 0.23 -2.68
C ASP B 142 2.30 -1.06 -2.54
N SER B 143 1.16 -1.16 -3.23
CA SER B 143 0.39 -2.40 -3.21
C SER B 143 -0.55 -2.50 -4.39
N GLY B 144 -1.00 -3.72 -4.67
CA GLY B 144 -1.92 -3.98 -5.75
C GLY B 144 -3.21 -3.18 -5.68
N SER B 145 -3.84 -3.16 -4.52
CA SER B 145 -5.09 -2.42 -4.33
CA SER B 145 -5.10 -2.44 -4.38
C SER B 145 -4.90 -0.94 -4.67
N VAL B 146 -3.78 -0.38 -4.23
CA VAL B 146 -3.54 1.04 -4.50
C VAL B 146 -3.33 1.25 -6.00
N SER B 147 -2.69 0.30 -6.67
CA SER B 147 -2.43 0.46 -8.09
C SER B 147 -3.75 0.43 -8.86
N VAL B 148 -4.70 -0.37 -8.38
CA VAL B 148 -6.04 -0.39 -8.97
C VAL B 148 -6.72 0.97 -8.76
N GLU B 149 -6.59 1.54 -7.56
CA GLU B 149 -7.16 2.87 -7.31
C GLU B 149 -6.53 3.94 -8.21
N VAL B 150 -5.23 3.83 -8.40
CA VAL B 150 -4.52 4.76 -9.28
C VAL B 150 -5.03 4.59 -10.72
N ALA B 151 -5.24 3.35 -11.15
CA ALA B 151 -5.81 3.11 -12.48
C ALA B 151 -7.19 3.75 -12.63
N ALA B 152 -8.04 3.62 -11.60
CA ALA B 152 -9.37 4.21 -11.69
C ALA B 152 -9.26 5.73 -11.72
N LYS B 153 -8.37 6.30 -10.92
CA LYS B 153 -8.21 7.73 -10.88
C LYS B 153 -7.76 8.24 -12.25
N MET B 154 -6.81 7.55 -12.86
CA MET B 154 -6.36 7.85 -14.21
C MET B 154 -7.53 7.86 -15.18
N ALA B 155 -8.35 6.81 -15.13
CA ALA B 155 -9.49 6.71 -16.04
C ALA B 155 -10.46 7.87 -15.86
N LEU B 156 -10.82 8.15 -14.61
CA LEU B 156 -11.76 9.23 -14.33
C LEU B 156 -11.17 10.58 -14.74
N GLN B 157 -9.92 10.82 -14.38
CA GLN B 157 -9.27 12.09 -14.71
C GLN B 157 -9.10 12.24 -16.22
N TYR B 158 -8.87 11.12 -16.90
CA TYR B 158 -8.81 11.13 -18.36
C TYR B 158 -10.08 11.74 -18.96
N TRP B 159 -11.23 11.26 -18.53
CA TRP B 159 -12.47 11.73 -19.15
C TRP B 159 -12.78 13.16 -18.73
N ARG B 160 -12.39 13.53 -17.51
CA ARG B 160 -12.46 14.92 -17.10
C ARG B 160 -11.62 15.78 -18.05
N GLY B 161 -10.48 15.24 -18.47
CA GLY B 161 -9.58 15.93 -19.38
C GLY B 161 -10.15 16.02 -20.78
N ARG B 162 -11.19 15.25 -21.04
CA ARG B 162 -11.87 15.30 -22.32
C ARG B 162 -13.18 16.08 -22.22
N GLY B 163 -13.44 16.63 -21.03
CA GLY B 163 -14.65 17.39 -20.79
C GLY B 163 -15.91 16.54 -20.67
N LEU B 164 -15.72 15.29 -20.24
CA LEU B 164 -16.83 14.37 -20.06
C LEU B 164 -16.85 13.80 -18.63
N PRO B 165 -17.09 14.66 -17.62
CA PRO B 165 -17.00 14.21 -16.23
C PRO B 165 -18.13 13.26 -15.83
N GLY B 166 -19.13 13.08 -16.69
CA GLY B 166 -20.17 12.10 -16.45
C GLY B 166 -19.66 10.68 -16.58
N LYS B 167 -18.54 10.50 -17.26
CA LYS B 167 -17.96 9.17 -17.44
C LYS B 167 -17.17 8.82 -16.18
N ARG B 168 -17.86 8.28 -15.19
CA ARG B 168 -17.27 8.11 -13.86
C ARG B 168 -17.50 6.74 -13.24
N ARG B 169 -18.25 5.88 -13.92
CA ARG B 169 -18.50 4.54 -13.38
C ARG B 169 -17.56 3.52 -14.02
N LEU B 170 -17.46 2.37 -13.38
CA LEU B 170 -16.68 1.27 -13.91
C LEU B 170 -17.57 0.12 -14.27
N MET B 171 -17.15 -0.67 -15.24
CA MET B 171 -17.87 -1.87 -15.62
C MET B 171 -16.93 -3.06 -15.55
N THR B 172 -17.43 -4.17 -15.04
CA THR B 172 -16.65 -5.39 -15.05
C THR B 172 -17.55 -6.59 -15.23
N TRP B 173 -16.96 -7.78 -15.25
CA TRP B 173 -17.78 -8.97 -15.25
C TRP B 173 -17.68 -9.63 -13.91
N ARG B 174 -18.63 -10.51 -13.61
CA ARG B 174 -18.65 -11.16 -12.30
C ARG B 174 -17.48 -12.12 -12.15
N GLY B 175 -17.17 -12.48 -10.91
CA GLY B 175 -16.14 -13.45 -10.63
C GLY B 175 -14.79 -12.82 -10.33
N GLY B 176 -14.76 -11.48 -10.33
CA GLY B 176 -13.51 -10.76 -10.27
C GLY B 176 -13.06 -10.41 -8.86
N TYR B 177 -11.76 -10.14 -8.74
CA TYR B 177 -11.21 -9.59 -7.50
C TYR B 177 -10.16 -8.56 -7.85
N HIS B 178 -10.17 -7.41 -7.15
CA HIS B 178 -9.23 -6.36 -7.50
C HIS B 178 -8.63 -5.66 -6.29
N GLY B 179 -8.76 -6.25 -5.12
CA GLY B 179 -8.16 -5.67 -3.93
C GLY B 179 -9.19 -5.27 -2.89
N ASP B 180 -8.70 -4.69 -1.78
CA ASP B 180 -9.53 -4.54 -0.59
C ASP B 180 -9.84 -3.10 -0.18
N THR B 181 -9.22 -2.12 -0.83
CA THR B 181 -9.60 -0.73 -0.55
C THR B 181 -10.99 -0.48 -1.11
N PHE B 182 -11.64 0.60 -0.71
CA PHE B 182 -13.07 0.71 -0.95
C PHE B 182 -13.41 0.85 -2.43
N LEU B 183 -12.57 1.50 -3.22
CA LEU B 183 -12.87 1.55 -4.65
C LEU B 183 -12.65 0.19 -5.28
N ALA B 184 -11.55 -0.46 -4.91
CA ALA B 184 -11.27 -1.80 -5.45
C ALA B 184 -12.41 -2.76 -5.11
N MET B 185 -12.95 -2.66 -3.90
CA MET B 185 -14.07 -3.50 -3.48
C MET B 185 -15.30 -3.35 -4.38
N SER B 186 -15.52 -2.15 -4.89
CA SER B 186 -16.72 -1.86 -5.65
C SER B 186 -16.76 -2.64 -6.97
N ILE B 187 -15.62 -3.14 -7.41
CA ILE B 187 -15.61 -3.92 -8.66
C ILE B 187 -15.29 -5.40 -8.41
N CYS B 188 -15.22 -5.78 -7.13
CA CYS B 188 -15.05 -7.17 -6.81
CA CYS B 188 -15.09 -7.17 -6.76
C CYS B 188 -16.42 -7.85 -6.96
N ASP B 189 -16.40 -9.16 -7.24
CA ASP B 189 -17.63 -9.91 -7.38
C ASP B 189 -18.53 -9.68 -6.16
N PRO B 190 -19.76 -9.22 -6.39
CA PRO B 190 -20.70 -8.90 -5.31
C PRO B 190 -20.87 -10.00 -4.24
N HIS B 191 -20.62 -11.26 -4.58
CA HIS B 191 -20.70 -12.34 -3.60
C HIS B 191 -19.37 -12.55 -2.88
N GLY B 192 -18.30 -12.62 -3.65
CA GLY B 192 -16.97 -12.81 -3.10
C GLY B 192 -16.57 -11.70 -2.15
N GLY B 193 -16.92 -10.47 -2.49
CA GLY B 193 -16.63 -9.31 -1.67
C GLY B 193 -17.77 -9.00 -0.72
N MET B 194 -18.73 -9.91 -0.64
CA MET B 194 -19.83 -9.84 0.32
C MET B 194 -20.53 -8.48 0.30
N HIS B 195 -20.95 -8.04 -0.88
N HIS B 195 -20.93 -8.04 -0.90
CA HIS B 195 -21.46 -6.68 -1.07
CA HIS B 195 -21.53 -6.73 -1.14
C HIS B 195 -22.78 -6.38 -0.35
C HIS B 195 -22.64 -6.37 -0.15
N SER B 196 -23.37 -7.38 0.31
CA SER B 196 -24.54 -7.17 1.14
C SER B 196 -24.19 -6.49 2.47
N LEU B 197 -22.99 -6.78 2.98
CA LEU B 197 -22.50 -6.20 4.22
C LEU B 197 -22.17 -4.70 4.07
N TRP B 198 -21.82 -4.31 2.83
CA TRP B 198 -21.40 -2.94 2.53
C TRP B 198 -22.44 -2.20 1.69
N THR B 199 -23.71 -2.52 1.90
CA THR B 199 -24.79 -1.88 1.13
C THR B 199 -24.72 -0.36 1.27
N ASP B 200 -24.91 0.34 0.15
CA ASP B 200 -24.88 1.81 0.06
C ASP B 200 -23.49 2.40 0.36
N VAL B 201 -22.61 1.62 0.99
CA VAL B 201 -21.26 2.08 1.28
C VAL B 201 -20.42 2.12 0.00
N LEU B 202 -20.52 1.07 -0.81
CA LEU B 202 -19.71 0.95 -2.00
C LEU B 202 -20.30 1.70 -3.18
N ALA B 203 -19.43 2.18 -4.07
CA ALA B 203 -19.86 2.72 -5.35
C ALA B 203 -20.63 1.64 -6.10
N ALA B 204 -21.69 2.02 -6.78
CA ALA B 204 -22.49 1.08 -7.55
C ALA B 204 -21.94 1.00 -8.96
N GLN B 205 -21.27 -0.10 -9.27
CA GLN B 205 -20.64 -0.25 -10.58
C GLN B 205 -21.51 -1.14 -11.46
N VAL B 206 -21.13 -1.27 -12.71
CA VAL B 206 -21.91 -2.06 -13.66
C VAL B 206 -21.30 -3.43 -13.79
N PHE B 207 -22.08 -4.48 -13.53
CA PHE B 207 -21.56 -5.85 -13.64
C PHE B 207 -22.19 -6.63 -14.76
N ALA B 208 -21.36 -7.14 -15.66
CA ALA B 208 -21.81 -8.11 -16.66
C ALA B 208 -21.82 -9.50 -16.04
N PRO B 209 -22.51 -10.45 -16.67
CA PRO B 209 -22.53 -11.80 -16.08
C PRO B 209 -21.15 -12.48 -16.08
N GLN B 210 -21.01 -13.52 -15.28
CA GLN B 210 -19.79 -14.33 -15.26
C GLN B 210 -19.34 -14.72 -16.67
N VAL B 211 -18.11 -14.35 -17.03
CA VAL B 211 -17.58 -14.71 -18.33
C VAL B 211 -17.37 -16.23 -18.33
N PRO B 212 -17.84 -16.91 -19.39
CA PRO B 212 -17.73 -18.37 -19.41
C PRO B 212 -16.32 -18.83 -19.72
N ARG B 213 -16.03 -20.11 -19.48
CA ARG B 213 -14.72 -20.64 -19.83
C ARG B 213 -14.55 -20.73 -21.35
N ASP B 214 -15.51 -21.36 -22.02
CA ASP B 214 -15.42 -21.54 -23.46
C ASP B 214 -15.94 -20.31 -24.18
N TYR B 215 -15.39 -20.06 -25.36
CA TYR B 215 -15.74 -18.85 -26.10
C TYR B 215 -17.13 -18.93 -26.71
N ASP B 216 -17.96 -17.98 -26.34
CA ASP B 216 -19.32 -17.88 -26.86
C ASP B 216 -19.57 -16.44 -27.28
N PRO B 217 -19.66 -16.20 -28.60
CA PRO B 217 -19.82 -14.83 -29.13
C PRO B 217 -21.09 -14.15 -28.62
N ALA B 218 -22.06 -14.94 -28.19
CA ALA B 218 -23.30 -14.42 -27.61
C ALA B 218 -23.01 -13.65 -26.33
N TYR B 219 -22.02 -14.12 -25.57
CA TYR B 219 -21.64 -13.44 -24.34
C TYR B 219 -21.12 -12.05 -24.66
N SER B 220 -20.21 -11.97 -25.62
CA SER B 220 -19.60 -10.69 -26.00
C SER B 220 -20.66 -9.74 -26.55
N ALA B 221 -21.57 -10.25 -27.38
CA ALA B 221 -22.63 -9.41 -27.92
C ALA B 221 -23.51 -8.85 -26.81
N ALA B 222 -23.75 -9.66 -25.78
CA ALA B 222 -24.55 -9.24 -24.64
C ALA B 222 -23.79 -8.21 -23.80
N PHE B 223 -22.50 -8.45 -23.59
CA PHE B 223 -21.63 -7.50 -22.90
C PHE B 223 -21.71 -6.15 -23.60
N GLU B 224 -21.56 -6.18 -24.91
CA GLU B 224 -21.61 -4.96 -25.72
C GLU B 224 -22.93 -4.20 -25.54
N ALA B 225 -24.04 -4.93 -25.60
CA ALA B 225 -25.36 -4.30 -25.46
C ALA B 225 -25.52 -3.63 -24.10
N GLN B 226 -25.05 -4.31 -23.06
CA GLN B 226 -25.12 -3.75 -21.70
C GLN B 226 -24.22 -2.52 -21.57
N LEU B 227 -22.99 -2.63 -22.09
CA LEU B 227 -22.07 -1.49 -22.03
C LEU B 227 -22.64 -0.29 -22.80
N ALA B 228 -23.26 -0.58 -23.93
CA ALA B 228 -23.75 0.48 -24.81
C ALA B 228 -24.73 1.40 -24.09
N GLN B 229 -25.58 0.82 -23.26
CA GLN B 229 -26.61 1.62 -22.61
C GLN B 229 -26.00 2.46 -21.49
N HIS B 230 -24.81 2.09 -21.06
CA HIS B 230 -24.12 2.80 -19.98
C HIS B 230 -22.93 3.65 -20.46
N ALA B 231 -22.65 3.64 -21.76
CA ALA B 231 -21.38 4.19 -22.26
C ALA B 231 -21.14 5.64 -21.82
N GLY B 232 -22.18 6.47 -21.81
CA GLY B 232 -22.01 7.86 -21.41
C GLY B 232 -21.75 8.04 -19.93
N GLU B 233 -21.87 6.96 -19.17
CA GLU B 233 -21.68 6.96 -17.73
C GLU B 233 -20.38 6.27 -17.35
N LEU B 234 -19.76 5.59 -18.31
CA LEU B 234 -18.65 4.69 -18.00
C LEU B 234 -17.27 5.25 -18.32
N ALA B 235 -16.39 5.25 -17.34
CA ALA B 235 -15.01 5.67 -17.59
C ALA B 235 -14.17 4.51 -18.14
N ALA B 236 -14.47 3.29 -17.66
CA ALA B 236 -13.60 2.17 -17.95
C ALA B 236 -14.26 0.81 -17.71
N VAL B 237 -13.79 -0.16 -18.48
CA VAL B 237 -13.98 -1.58 -18.17
C VAL B 237 -12.74 -2.10 -17.46
N VAL B 238 -12.92 -2.76 -16.32
CA VAL B 238 -11.79 -3.31 -15.57
C VAL B 238 -11.94 -4.82 -15.43
N VAL B 239 -10.99 -5.59 -15.95
CA VAL B 239 -11.05 -7.03 -15.86
C VAL B 239 -9.68 -7.62 -15.54
N GLU B 240 -9.69 -8.82 -14.95
CA GLU B 240 -8.55 -9.72 -14.90
C GLU B 240 -8.50 -10.50 -16.21
N PRO B 241 -7.41 -10.37 -16.97
CA PRO B 241 -7.37 -11.09 -18.23
C PRO B 241 -7.04 -12.59 -18.08
N VAL B 242 -7.83 -13.42 -18.76
CA VAL B 242 -7.66 -14.89 -18.87
C VAL B 242 -7.89 -15.68 -17.57
N VAL B 243 -7.31 -15.25 -16.45
CA VAL B 243 -7.50 -15.94 -15.19
C VAL B 243 -8.04 -15.01 -14.12
N GLN B 244 -9.18 -15.39 -13.56
CA GLN B 244 -9.72 -14.70 -12.39
C GLN B 244 -9.28 -15.44 -11.15
N GLY B 245 -8.40 -14.80 -10.38
CA GLY B 245 -7.75 -15.48 -9.26
C GLY B 245 -8.57 -15.62 -8.00
N ALA B 246 -8.57 -14.58 -7.16
CA ALA B 246 -9.12 -14.69 -5.82
C ALA B 246 -10.63 -14.83 -5.84
N GLY B 247 -11.24 -14.52 -6.97
CA GLY B 247 -12.69 -14.59 -7.08
C GLY B 247 -13.18 -15.98 -7.42
N GLY B 248 -12.26 -16.91 -7.63
CA GLY B 248 -12.66 -18.29 -7.90
C GLY B 248 -11.77 -19.14 -8.79
N MET B 249 -10.56 -18.67 -9.11
CA MET B 249 -9.61 -19.42 -9.93
C MET B 249 -10.28 -19.90 -11.22
N ARG B 250 -11.03 -19.01 -11.86
CA ARG B 250 -11.75 -19.35 -13.09
C ARG B 250 -10.93 -18.94 -14.30
N PHE B 251 -11.01 -19.73 -15.36
CA PHE B 251 -10.30 -19.40 -16.59
C PHE B 251 -11.31 -19.01 -17.66
N HIS B 252 -10.93 -18.13 -18.58
CA HIS B 252 -11.77 -17.86 -19.73
C HIS B 252 -10.94 -17.70 -21.01
N ASP B 253 -11.58 -17.96 -22.14
CA ASP B 253 -10.89 -17.92 -23.42
C ASP B 253 -10.37 -16.51 -23.70
N PRO B 254 -9.07 -16.40 -24.07
CA PRO B 254 -8.42 -15.13 -24.38
C PRO B 254 -9.15 -14.30 -25.44
N ARG B 255 -9.93 -14.96 -26.30
CA ARG B 255 -10.67 -14.25 -27.33
C ARG B 255 -11.66 -13.21 -26.77
N TYR B 256 -12.15 -13.43 -25.55
CA TYR B 256 -13.05 -12.46 -24.92
C TYR B 256 -12.36 -11.11 -24.73
N LEU B 257 -11.05 -11.15 -24.51
CA LEU B 257 -10.29 -9.93 -24.30
C LEU B 257 -10.20 -9.16 -25.61
N HIS B 258 -10.09 -9.88 -26.72
CA HIS B 258 -10.10 -9.27 -28.04
C HIS B 258 -11.43 -8.55 -28.24
N ASP B 259 -12.51 -9.19 -27.81
CA ASP B 259 -13.83 -8.58 -27.89
C ASP B 259 -13.93 -7.33 -27.02
N LEU B 260 -13.48 -7.40 -25.77
CA LEU B 260 -13.48 -6.22 -24.90
C LEU B 260 -12.71 -5.05 -25.52
N ARG B 261 -11.54 -5.31 -26.09
CA ARG B 261 -10.73 -4.25 -26.67
C ARG B 261 -11.50 -3.55 -27.80
N ASP B 262 -12.16 -4.37 -28.62
CA ASP B 262 -12.95 -3.84 -29.71
C ASP B 262 -14.17 -3.04 -29.21
N ILE B 263 -14.90 -3.60 -28.25
CA ILE B 263 -16.08 -2.95 -27.69
C ILE B 263 -15.69 -1.61 -27.07
N CYS B 264 -14.62 -1.61 -26.29
CA CYS B 264 -14.15 -0.38 -25.64
C CYS B 264 -13.75 0.68 -26.66
N ARG B 265 -13.09 0.26 -27.74
CA ARG B 265 -12.69 1.19 -28.78
C ARG B 265 -13.91 1.84 -29.44
N ARG B 266 -14.91 1.04 -29.80
CA ARG B 266 -16.07 1.56 -30.51
C ARG B 266 -17.00 2.42 -29.66
N TYR B 267 -17.07 2.16 -28.35
CA TYR B 267 -17.97 2.93 -27.50
C TYR B 267 -17.24 3.95 -26.63
N GLU B 268 -15.94 4.13 -26.88
CA GLU B 268 -15.15 5.15 -26.20
C GLU B 268 -15.18 4.97 -24.68
N VAL B 269 -14.72 3.80 -24.25
CA VAL B 269 -14.58 3.48 -22.84
C VAL B 269 -13.16 2.93 -22.71
N LEU B 270 -12.42 3.33 -21.67
CA LEU B 270 -11.05 2.83 -21.53
C LEU B 270 -11.06 1.37 -21.12
N LEU B 271 -10.01 0.63 -21.47
CA LEU B 271 -9.87 -0.74 -21.02
C LEU B 271 -8.70 -0.85 -20.04
N ILE B 272 -9.00 -1.38 -18.86
CA ILE B 272 -7.99 -1.58 -17.82
C ILE B 272 -7.84 -3.08 -17.58
N PHE B 273 -6.62 -3.59 -17.71
CA PHE B 273 -6.30 -4.95 -17.33
C PHE B 273 -5.61 -4.99 -15.99
N ASP B 274 -6.18 -5.75 -15.06
CA ASP B 274 -5.57 -5.97 -13.76
C ASP B 274 -4.76 -7.25 -13.85
N GLU B 275 -3.46 -7.13 -14.05
CA GLU B 275 -2.58 -8.31 -14.17
C GLU B 275 -1.75 -8.49 -12.94
N ILE B 276 -2.29 -8.07 -11.80
CA ILE B 276 -1.55 -8.21 -10.56
C ILE B 276 -1.32 -9.69 -10.21
N ALA B 277 -2.24 -10.58 -10.59
CA ALA B 277 -2.05 -12.01 -10.33
C ALA B 277 -1.46 -12.76 -11.53
N THR B 278 -1.76 -12.29 -12.73
CA THR B 278 -1.43 -13.05 -13.94
C THR B 278 -0.07 -12.70 -14.53
N GLY B 279 0.56 -11.63 -14.04
CA GLY B 279 1.78 -11.15 -14.64
C GLY B 279 3.01 -12.03 -14.52
N PHE B 280 4.03 -11.67 -15.27
CA PHE B 280 5.37 -12.26 -15.16
C PHE B 280 5.37 -13.78 -15.34
N GLY B 281 4.66 -14.23 -16.37
CA GLY B 281 4.79 -15.59 -16.87
C GLY B 281 3.81 -16.62 -16.37
N ARG B 282 3.00 -16.27 -15.38
CA ARG B 282 2.24 -17.25 -14.60
C ARG B 282 1.28 -18.07 -15.46
N THR B 283 0.67 -17.42 -16.46
CA THR B 283 -0.30 -18.13 -17.31
C THR B 283 0.30 -18.72 -18.57
N GLY B 284 1.62 -18.64 -18.72
CA GLY B 284 2.28 -19.21 -19.89
C GLY B 284 2.66 -18.17 -20.91
N ALA B 285 2.20 -16.94 -20.68
CA ALA B 285 2.61 -15.79 -21.46
C ALA B 285 3.17 -14.80 -20.45
N LEU B 286 3.99 -13.86 -20.91
CA LEU B 286 4.64 -12.94 -20.00
C LEU B 286 3.57 -12.15 -19.25
N PHE B 287 2.59 -11.67 -20.01
CA PHE B 287 1.39 -11.11 -19.42
C PHE B 287 0.20 -11.76 -20.10
N ALA B 288 -0.87 -11.97 -19.34
CA ALA B 288 -2.00 -12.75 -19.85
C ALA B 288 -2.62 -12.09 -21.08
N ALA B 289 -2.50 -10.76 -21.18
CA ALA B 289 -3.01 -10.02 -22.32
C ALA B 289 -2.39 -10.56 -23.62
N ASP B 290 -1.15 -11.01 -23.53
CA ASP B 290 -0.41 -11.52 -24.69
C ASP B 290 -1.06 -12.74 -25.31
N HIS B 291 -1.85 -13.49 -24.54
CA HIS B 291 -2.60 -14.64 -25.08
C HIS B 291 -3.60 -14.18 -26.13
N ALA B 292 -4.07 -12.94 -25.99
CA ALA B 292 -5.06 -12.39 -26.91
C ALA B 292 -4.43 -11.39 -27.89
N GLY B 293 -3.17 -11.04 -27.65
CA GLY B 293 -2.47 -10.06 -28.46
C GLY B 293 -3.14 -8.70 -28.42
N VAL B 294 -3.72 -8.34 -27.28
CA VAL B 294 -4.31 -7.01 -27.16
C VAL B 294 -3.60 -6.19 -26.09
N SER B 295 -3.66 -4.88 -26.26
CA SER B 295 -3.09 -3.94 -25.29
C SER B 295 -4.21 -3.13 -24.65
N PRO B 296 -4.25 -3.11 -23.31
CA PRO B 296 -5.23 -2.26 -22.63
C PRO B 296 -4.74 -0.81 -22.63
N ASP B 297 -5.59 0.12 -22.20
CA ASP B 297 -5.18 1.51 -22.09
C ASP B 297 -4.39 1.73 -20.82
N ILE B 298 -4.76 0.98 -19.80
CA ILE B 298 -4.12 1.04 -18.50
C ILE B 298 -3.93 -0.39 -17.98
N MET B 299 -2.85 -0.63 -17.24
CA MET B 299 -2.56 -1.97 -16.78
C MET B 299 -1.96 -1.93 -15.37
N CYS B 300 -2.38 -2.84 -14.51
CA CYS B 300 -1.82 -2.91 -13.16
C CYS B 300 -1.00 -4.18 -13.01
N VAL B 301 0.19 -4.04 -12.40
CA VAL B 301 1.01 -5.19 -12.06
C VAL B 301 1.46 -5.12 -10.59
N GLY B 302 1.81 -6.28 -10.05
CA GLY B 302 2.15 -6.39 -8.66
C GLY B 302 2.60 -7.80 -8.32
N LYS B 303 2.17 -8.27 -7.14
CA LYS B 303 2.55 -9.55 -6.53
C LYS B 303 3.93 -10.09 -6.95
N ALA B 304 4.04 -10.71 -8.12
CA ALA B 304 5.31 -11.34 -8.51
C ALA B 304 6.37 -10.33 -9.02
N LEU B 305 5.96 -9.07 -9.12
CA LEU B 305 6.86 -8.00 -9.58
C LEU B 305 8.20 -8.01 -8.81
N THR B 306 8.15 -8.19 -7.50
CA THR B 306 9.37 -8.18 -6.69
C THR B 306 9.91 -9.58 -6.42
N GLY B 307 9.36 -10.59 -7.08
CA GLY B 307 9.75 -11.96 -6.79
C GLY B 307 9.33 -12.34 -5.39
N GLY B 308 8.38 -11.59 -4.82
CA GLY B 308 7.86 -11.92 -3.51
C GLY B 308 8.73 -11.52 -2.33
N TYR B 309 9.63 -10.57 -2.53
CA TYR B 309 10.44 -10.06 -1.43
C TYR B 309 9.78 -8.89 -0.69
N LEU B 310 9.24 -7.94 -1.45
CA LEU B 310 8.76 -6.68 -0.90
C LEU B 310 7.51 -6.22 -1.61
N SER B 311 6.67 -5.45 -0.93
CA SER B 311 5.47 -4.94 -1.58
C SER B 311 5.87 -3.87 -2.59
N LEU B 312 5.44 -4.06 -3.82
CA LEU B 312 5.57 -3.06 -4.88
C LEU B 312 4.50 -3.35 -5.91
N ALA B 313 3.95 -2.29 -6.51
CA ALA B 313 3.02 -2.45 -7.63
C ALA B 313 3.24 -1.33 -8.61
N ALA B 314 2.66 -1.45 -9.80
CA ALA B 314 2.80 -0.37 -10.76
C ALA B 314 1.55 -0.28 -11.63
N THR B 315 1.28 0.93 -12.10
CA THR B 315 0.16 1.16 -12.99
C THR B 315 0.79 1.75 -14.25
N LEU B 316 0.53 1.14 -15.39
CA LEU B 316 1.08 1.65 -16.63
C LEU B 316 -0.04 2.19 -17.48
N CYS B 317 0.24 3.20 -18.27
CA CYS B 317 -0.76 3.67 -19.20
C CYS B 317 -0.13 4.09 -20.50
N THR B 318 -0.99 4.26 -21.50
CA THR B 318 -0.55 4.70 -22.81
C THR B 318 -0.16 6.18 -22.82
N ALA B 319 0.56 6.57 -23.87
CA ALA B 319 0.91 7.97 -24.09
C ALA B 319 -0.34 8.84 -24.15
N ASP B 320 -1.37 8.35 -24.84
CA ASP B 320 -2.62 9.10 -24.95
C ASP B 320 -3.25 9.36 -23.58
N VAL B 321 -3.33 8.33 -22.75
CA VAL B 321 -3.89 8.49 -21.43
C VAL B 321 -3.09 9.52 -20.60
N ALA B 322 -1.78 9.37 -20.59
CA ALA B 322 -0.94 10.25 -19.78
C ALA B 322 -1.05 11.71 -20.24
N HIS B 323 -1.02 11.93 -21.55
N HIS B 323 -0.97 11.91 -21.56
CA HIS B 323 -1.03 13.31 -22.05
CA HIS B 323 -1.08 13.25 -22.15
C HIS B 323 -2.43 13.95 -22.02
C HIS B 323 -2.41 13.89 -21.78
N THR B 324 -3.48 13.14 -21.99
CA THR B 324 -4.84 13.66 -21.83
C THR B 324 -5.09 14.08 -20.39
N ILE B 325 -4.58 13.28 -19.46
CA ILE B 325 -4.60 13.68 -18.06
C ILE B 325 -3.77 14.97 -17.91
N SER B 326 -2.56 14.99 -18.46
CA SER B 326 -1.63 16.10 -18.22
C SER B 326 -2.04 17.41 -18.90
N ALA B 327 -2.87 17.31 -19.94
CA ALA B 327 -3.32 18.49 -20.66
C ALA B 327 -4.68 18.98 -20.15
N GLY B 328 -5.29 18.20 -19.27
CA GLY B 328 -6.58 18.58 -18.69
C GLY B 328 -6.44 19.79 -17.80
N ALA B 329 -7.51 20.56 -17.69
CA ALA B 329 -7.48 21.76 -16.87
C ALA B 329 -7.23 21.38 -15.41
N ALA B 330 -7.74 20.22 -15.01
CA ALA B 330 -7.52 19.70 -13.67
C ALA B 330 -6.02 19.60 -13.35
N GLY B 331 -5.24 19.24 -14.36
CA GLY B 331 -3.79 19.21 -14.21
C GLY B 331 -3.25 17.90 -13.68
N ALA B 332 -2.43 18.00 -12.63
CA ALA B 332 -1.65 16.88 -12.14
C ALA B 332 -2.49 15.71 -11.61
N LEU B 333 -1.94 14.50 -11.75
CA LEU B 333 -2.53 13.33 -11.11
C LEU B 333 -2.20 13.41 -9.61
N MET B 334 -3.21 13.69 -8.78
CA MET B 334 -2.96 13.92 -7.35
C MET B 334 -2.91 12.59 -6.60
N HIS B 335 -1.82 11.88 -6.82
CA HIS B 335 -1.48 10.69 -6.08
C HIS B 335 0.02 10.65 -5.83
N GLY B 336 0.43 10.11 -4.69
CA GLY B 336 1.83 10.14 -4.33
C GLY B 336 2.17 9.39 -3.06
N PRO B 337 2.22 8.06 -3.15
CA PRO B 337 2.54 7.24 -1.98
C PRO B 337 3.88 7.63 -1.39
N THR B 338 3.94 7.70 -0.07
CA THR B 338 5.17 8.11 0.60
C THR B 338 6.38 7.31 0.11
N PHE B 339 6.21 5.99 -0.05
CA PHE B 339 7.33 5.15 -0.42
C PHE B 339 7.34 4.81 -1.90
N MET B 340 6.66 5.64 -2.71
CA MET B 340 6.69 5.54 -4.17
C MET B 340 8.08 5.23 -4.71
N ALA B 341 8.17 4.21 -5.56
CA ALA B 341 9.40 3.90 -6.29
C ALA B 341 10.58 3.62 -5.35
N ASN B 342 10.29 3.03 -4.20
CA ASN B 342 11.31 2.66 -3.21
C ASN B 342 12.51 1.96 -3.83
N PRO B 343 13.74 2.51 -3.67
CA PRO B 343 14.91 1.88 -4.31
C PRO B 343 15.13 0.40 -3.98
N LEU B 344 14.91 -0.04 -2.74
CA LEU B 344 15.10 -1.44 -2.40
C LEU B 344 14.13 -2.33 -3.18
N ALA B 345 12.85 -1.96 -3.18
CA ALA B 345 11.86 -2.78 -3.86
C ALA B 345 12.09 -2.74 -5.36
N CYS B 346 12.46 -1.58 -5.89
CA CYS B 346 12.73 -1.49 -7.32
C CYS B 346 13.96 -2.32 -7.72
N ALA B 347 14.98 -2.31 -6.87
CA ALA B 347 16.21 -3.03 -7.20
C ALA B 347 15.95 -4.52 -7.28
N VAL B 348 15.24 -5.06 -6.30
CA VAL B 348 14.98 -6.49 -6.30
C VAL B 348 14.08 -6.84 -7.47
N SER B 349 13.16 -5.93 -7.83
CA SER B 349 12.25 -6.19 -8.95
CA SER B 349 12.26 -6.18 -8.94
C SER B 349 13.00 -6.27 -10.26
N VAL B 350 13.94 -5.34 -10.46
CA VAL B 350 14.80 -5.37 -11.64
C VAL B 350 15.48 -6.75 -11.73
N ALA B 351 16.02 -7.23 -10.61
CA ALA B 351 16.74 -8.50 -10.60
C ALA B 351 15.79 -9.65 -10.91
N SER B 352 14.58 -9.57 -10.35
CA SER B 352 13.57 -10.62 -10.55
C SER B 352 13.14 -10.69 -12.01
N VAL B 353 12.87 -9.54 -12.61
CA VAL B 353 12.45 -9.50 -14.00
C VAL B 353 13.58 -9.95 -14.93
N GLU B 354 14.80 -9.49 -14.67
CA GLU B 354 15.95 -9.90 -15.51
C GLU B 354 16.20 -11.40 -15.40
N LEU B 355 16.04 -11.95 -14.19
CA LEU B 355 16.22 -13.38 -13.96
C LEU B 355 15.18 -14.18 -14.77
N LEU B 356 13.96 -13.67 -14.82
CA LEU B 356 12.91 -14.31 -15.60
C LEU B 356 13.22 -14.25 -17.09
N LEU B 357 13.62 -13.08 -17.57
CA LEU B 357 13.88 -12.87 -19.00
C LEU B 357 15.16 -13.55 -19.49
N GLY B 358 16.09 -13.79 -18.57
CA GLY B 358 17.39 -14.36 -18.92
C GLY B 358 17.40 -15.88 -19.00
N GLN B 359 16.23 -16.49 -18.83
CA GLN B 359 16.10 -17.93 -18.94
C GLN B 359 15.00 -18.25 -19.97
N ASP B 360 14.87 -19.52 -20.35
CA ASP B 360 13.78 -19.91 -21.25
C ASP B 360 12.53 -20.13 -20.40
N TRP B 361 11.94 -19.03 -19.95
CA TRP B 361 10.81 -19.10 -19.04
C TRP B 361 9.60 -19.77 -19.68
N ARG B 362 9.44 -19.63 -20.99
CA ARG B 362 8.29 -20.18 -21.69
C ARG B 362 8.30 -21.71 -21.63
N THR B 363 9.46 -22.30 -21.85
CA THR B 363 9.63 -23.74 -21.67
C THR B 363 9.43 -24.19 -20.22
N ARG B 364 9.94 -23.41 -19.27
CA ARG B 364 9.79 -23.74 -17.87
C ARG B 364 8.31 -23.83 -17.48
N ILE B 365 7.53 -22.83 -17.90
CA ILE B 365 6.09 -22.80 -17.56
C ILE B 365 5.33 -23.94 -18.24
N THR B 366 5.68 -24.21 -19.49
CA THR B 366 5.06 -25.30 -20.24
C THR B 366 5.31 -26.63 -19.54
N GLU B 367 6.53 -26.82 -19.02
CA GLU B 367 6.83 -28.03 -18.28
C GLU B 367 6.04 -28.12 -16.97
N LEU B 368 5.96 -26.99 -16.25
CA LEU B 368 5.16 -26.94 -15.03
C LEU B 368 3.70 -27.29 -15.31
N ALA B 369 3.15 -26.71 -16.37
CA ALA B 369 1.77 -26.99 -16.77
C ALA B 369 1.58 -28.48 -17.05
N ALA B 370 2.56 -29.08 -17.73
CA ALA B 370 2.50 -30.51 -18.05
C ALA B 370 2.51 -31.36 -16.79
N GLY B 371 3.37 -31.00 -15.83
CA GLY B 371 3.43 -31.68 -14.56
C GLY B 371 2.15 -31.56 -13.75
N LEU B 372 1.54 -30.37 -13.78
CA LEU B 372 0.30 -30.17 -13.04
C LEU B 372 -0.80 -31.01 -13.67
N THR B 373 -0.87 -30.99 -15.00
CA THR B 373 -1.90 -31.74 -15.72
C THR B 373 -1.79 -33.24 -15.45
N ALA B 374 -0.56 -33.75 -15.53
CA ALA B 374 -0.31 -35.17 -15.28
C ALA B 374 -0.67 -35.55 -13.85
N GLY B 375 -0.21 -34.75 -12.90
CA GLY B 375 -0.45 -35.02 -11.50
C GLY B 375 -1.89 -34.91 -11.02
N LEU B 376 -2.66 -34.00 -11.60
CA LEU B 376 -4.02 -33.77 -11.12
C LEU B 376 -5.04 -34.64 -11.85
N ASP B 377 -4.60 -35.33 -12.89
CA ASP B 377 -5.48 -36.14 -13.73
C ASP B 377 -6.38 -37.10 -12.95
N THR B 378 -5.83 -37.74 -11.92
CA THR B 378 -6.58 -38.75 -11.19
C THR B 378 -7.69 -38.16 -10.31
N ALA B 379 -7.60 -36.87 -10.02
CA ALA B 379 -8.63 -36.23 -9.20
C ALA B 379 -9.96 -36.13 -9.96
N ARG B 380 -9.89 -36.22 -11.28
CA ARG B 380 -11.06 -35.98 -12.12
C ARG B 380 -12.17 -37.01 -11.89
N ALA B 381 -11.77 -38.19 -11.39
CA ALA B 381 -12.72 -39.28 -11.16
C ALA B 381 -13.17 -39.37 -9.71
N LEU B 382 -12.65 -38.48 -8.87
CA LEU B 382 -13.03 -38.44 -7.46
C LEU B 382 -14.47 -37.95 -7.31
N PRO B 383 -15.22 -38.55 -6.36
CA PRO B 383 -16.63 -38.25 -6.11
C PRO B 383 -16.93 -36.77 -5.88
N ALA B 384 -16.10 -36.10 -5.09
CA ALA B 384 -16.39 -34.72 -4.69
C ALA B 384 -15.93 -33.70 -5.74
N VAL B 385 -15.28 -34.16 -6.80
CA VAL B 385 -14.64 -33.25 -7.74
C VAL B 385 -15.48 -32.95 -8.97
N THR B 386 -15.75 -31.67 -9.21
CA THR B 386 -16.55 -31.23 -10.35
C THR B 386 -15.72 -30.79 -11.55
N ASP B 387 -14.51 -30.29 -11.31
CA ASP B 387 -13.64 -29.90 -12.41
C ASP B 387 -12.17 -29.94 -12.02
N VAL B 388 -11.33 -30.17 -13.02
CA VAL B 388 -9.89 -30.04 -12.88
C VAL B 388 -9.40 -29.19 -14.05
N ARG B 389 -8.67 -28.12 -13.76
CA ARG B 389 -8.20 -27.27 -14.83
C ARG B 389 -6.80 -26.74 -14.57
N VAL B 390 -6.05 -26.55 -15.64
CA VAL B 390 -4.69 -26.05 -15.55
C VAL B 390 -4.46 -24.99 -16.63
N CYS B 391 -3.80 -23.91 -16.24
CA CYS B 391 -3.40 -22.86 -17.17
C CYS B 391 -2.03 -22.38 -16.75
N GLY B 392 -1.01 -22.62 -17.56
CA GLY B 392 0.34 -22.27 -17.17
C GLY B 392 0.68 -22.93 -15.85
N ALA B 393 1.35 -22.16 -14.98
CA ALA B 393 1.73 -22.69 -13.67
C ALA B 393 0.62 -22.47 -12.64
N ILE B 394 -0.60 -22.82 -13.03
CA ILE B 394 -1.76 -22.74 -12.14
C ILE B 394 -2.52 -24.05 -12.23
N GLY B 395 -2.80 -24.70 -11.11
CA GLY B 395 -3.57 -25.94 -11.14
C GLY B 395 -4.70 -25.88 -10.15
N VAL B 396 -5.89 -26.30 -10.59
CA VAL B 396 -7.07 -26.18 -9.75
C VAL B 396 -7.91 -27.46 -9.72
N ILE B 397 -8.29 -27.88 -8.52
CA ILE B 397 -9.31 -28.89 -8.34
C ILE B 397 -10.55 -28.23 -7.74
N GLU B 398 -11.65 -28.18 -8.49
CA GLU B 398 -12.89 -27.63 -7.96
C GLU B 398 -13.79 -28.73 -7.42
N CYS B 399 -14.19 -28.60 -6.16
CA CYS B 399 -15.02 -29.63 -5.52
C CYS B 399 -16.49 -29.20 -5.44
N ASP B 400 -17.35 -30.12 -5.02
CA ASP B 400 -18.79 -29.84 -4.94
C ASP B 400 -19.24 -29.35 -3.57
N ARG B 401 -18.28 -29.04 -2.70
CA ARG B 401 -18.59 -28.58 -1.36
C ARG B 401 -17.37 -27.82 -0.81
N PRO B 402 -17.58 -27.01 0.25
CA PRO B 402 -16.43 -26.29 0.80
C PRO B 402 -15.35 -27.23 1.32
N VAL B 403 -14.09 -26.80 1.26
CA VAL B 403 -12.98 -27.60 1.75
C VAL B 403 -12.69 -27.22 3.19
N ASP B 404 -12.75 -28.21 4.09
CA ASP B 404 -12.50 -27.96 5.51
C ASP B 404 -11.01 -27.77 5.77
N LEU B 405 -10.63 -26.60 6.26
CA LEU B 405 -9.23 -26.30 6.54
C LEU B 405 -8.67 -27.20 7.64
N ALA B 406 -9.49 -27.50 8.64
CA ALA B 406 -9.08 -28.32 9.78
C ALA B 406 -8.75 -29.76 9.36
N VAL B 407 -9.23 -30.16 8.19
CA VAL B 407 -8.93 -31.48 7.64
C VAL B 407 -7.85 -31.39 6.55
N ALA B 408 -8.02 -30.47 5.62
CA ALA B 408 -7.12 -30.34 4.49
C ALA B 408 -5.68 -29.97 4.87
N THR B 409 -5.53 -29.12 5.89
CA THR B 409 -4.19 -28.64 6.23
C THR B 409 -3.27 -29.73 6.82
N PRO B 410 -3.75 -30.55 7.78
CA PRO B 410 -2.83 -31.60 8.25
C PRO B 410 -2.55 -32.65 7.19
N ALA B 411 -3.53 -32.94 6.36
CA ALA B 411 -3.38 -33.91 5.29
C ALA B 411 -2.24 -33.50 4.36
N ALA B 412 -2.27 -32.24 3.95
CA ALA B 412 -1.24 -31.70 3.07
C ALA B 412 0.13 -31.68 3.77
N LEU B 413 0.16 -31.19 5.00
CA LEU B 413 1.40 -31.11 5.77
C LEU B 413 2.03 -32.49 5.98
N ASP B 414 1.21 -33.50 6.21
CA ASP B 414 1.68 -34.88 6.31
C ASP B 414 2.43 -35.30 5.05
N ARG B 415 2.07 -34.69 3.93
CA ARG B 415 2.66 -35.02 2.66
C ARG B 415 3.71 -34.01 2.22
N GLY B 416 4.13 -33.16 3.15
CA GLY B 416 5.21 -32.20 2.91
C GLY B 416 4.83 -31.01 2.05
N VAL B 417 3.58 -30.60 2.12
CA VAL B 417 3.08 -29.54 1.22
C VAL B 417 2.24 -28.52 1.96
N TRP B 418 2.51 -27.24 1.69
CA TRP B 418 1.68 -26.18 2.24
C TRP B 418 0.65 -25.77 1.20
N LEU B 419 -0.58 -26.15 1.47
CA LEU B 419 -1.72 -25.81 0.63
C LEU B 419 -2.68 -24.92 1.41
N ARG B 420 -3.30 -23.98 0.70
CA ARG B 420 -4.28 -23.11 1.33
C ARG B 420 -5.53 -23.07 0.46
N PRO B 421 -6.41 -24.05 0.66
CA PRO B 421 -7.67 -24.06 -0.09
C PRO B 421 -8.54 -22.86 0.28
N PHE B 422 -9.45 -22.47 -0.60
CA PHE B 422 -10.49 -21.52 -0.19
C PHE B 422 -11.78 -21.87 -0.91
N ARG B 423 -12.89 -21.63 -0.23
CA ARG B 423 -14.20 -22.11 -0.69
C ARG B 423 -14.12 -23.59 -1.06
N ASN B 424 -14.52 -23.92 -2.28
CA ASN B 424 -14.52 -25.30 -2.76
C ASN B 424 -13.31 -25.63 -3.62
N LEU B 425 -12.22 -24.86 -3.47
CA LEU B 425 -11.11 -24.96 -4.40
C LEU B 425 -9.85 -25.47 -3.72
N VAL B 426 -9.26 -26.52 -4.28
CA VAL B 426 -7.92 -26.93 -3.91
C VAL B 426 -7.02 -26.55 -5.07
N TYR B 427 -6.09 -25.63 -4.86
CA TYR B 427 -5.32 -25.15 -5.99
C TYR B 427 -3.87 -24.87 -5.64
N ALA B 428 -3.07 -24.65 -6.68
CA ALA B 428 -1.66 -24.39 -6.50
C ALA B 428 -1.13 -23.48 -7.59
N MET B 429 -0.19 -22.62 -7.19
CA MET B 429 0.56 -21.84 -8.17
CA MET B 429 0.55 -21.80 -8.13
C MET B 429 2.01 -21.87 -7.73
N PRO B 430 2.69 -22.95 -8.10
CA PRO B 430 4.02 -23.21 -7.52
C PRO B 430 5.09 -22.31 -8.10
N PRO B 431 6.21 -22.16 -7.36
CA PRO B 431 7.38 -21.44 -7.83
C PRO B 431 7.86 -22.02 -9.15
N TYR B 432 8.39 -21.16 -10.03
CA TYR B 432 8.83 -21.61 -11.34
C TYR B 432 10.03 -22.52 -11.23
N ILE B 433 10.67 -22.53 -10.06
CA ILE B 433 11.87 -23.34 -9.85
C ILE B 433 11.57 -24.76 -9.40
N CYS B 434 10.29 -25.09 -9.24
CA CYS B 434 9.93 -26.45 -8.80
C CYS B 434 10.36 -27.52 -9.80
N THR B 435 11.01 -28.54 -9.28
CA THR B 435 11.43 -29.70 -10.09
C THR B 435 10.23 -30.59 -10.40
N PRO B 436 10.36 -31.47 -11.40
CA PRO B 436 9.30 -32.44 -11.68
C PRO B 436 8.88 -33.23 -10.44
N ALA B 437 9.86 -33.60 -9.61
CA ALA B 437 9.56 -34.35 -8.39
C ALA B 437 8.74 -33.51 -7.42
N GLU B 438 9.02 -32.21 -7.38
CA GLU B 438 8.32 -31.35 -6.44
C GLU B 438 6.89 -31.13 -6.91
N ILE B 439 6.70 -31.00 -8.22
CA ILE B 439 5.36 -30.86 -8.78
C ILE B 439 4.56 -32.14 -8.55
N THR B 440 5.21 -33.30 -8.67
CA THR B 440 4.55 -34.56 -8.34
C THR B 440 4.10 -34.60 -6.87
N GLN B 441 4.95 -34.09 -5.98
CA GLN B 441 4.62 -34.07 -4.56
C GLN B 441 3.44 -33.13 -4.32
N ILE B 442 3.46 -31.97 -4.96
CA ILE B 442 2.37 -30.99 -4.76
C ILE B 442 1.03 -31.51 -5.25
N THR B 443 1.01 -32.03 -6.47
CA THR B 443 -0.23 -32.55 -7.04
C THR B 443 -0.76 -33.74 -6.26
N SER B 444 0.12 -34.63 -5.82
CA SER B 444 -0.33 -35.76 -4.99
C SER B 444 -1.00 -35.29 -3.70
N ALA B 445 -0.48 -34.21 -3.11
CA ALA B 445 -1.07 -33.64 -1.92
C ALA B 445 -2.47 -33.06 -2.24
N MET B 446 -2.59 -32.41 -3.38
CA MET B 446 -3.87 -31.82 -3.79
C MET B 446 -4.91 -32.92 -4.03
N VAL B 447 -4.47 -33.99 -4.68
CA VAL B 447 -5.38 -35.08 -5.03
C VAL B 447 -5.88 -35.71 -3.74
N GLU B 448 -4.99 -35.85 -2.76
CA GLU B 448 -5.36 -36.45 -1.49
C GLU B 448 -6.32 -35.55 -0.70
N VAL B 449 -6.14 -34.24 -0.79
CA VAL B 449 -7.06 -33.31 -0.13
C VAL B 449 -8.44 -33.45 -0.77
N ALA B 450 -8.48 -33.56 -2.09
CA ALA B 450 -9.73 -33.73 -2.81
C ALA B 450 -10.40 -35.05 -2.41
N ARG B 451 -9.59 -36.10 -2.28
CA ARG B 451 -10.08 -37.42 -1.91
C ARG B 451 -10.72 -37.40 -0.53
N LEU B 452 -10.15 -36.62 0.38
CA LEU B 452 -10.68 -36.51 1.73
C LEU B 452 -11.94 -35.65 1.79
N VAL B 453 -12.17 -34.84 0.76
CA VAL B 453 -13.39 -34.06 0.67
C VAL B 453 -14.57 -34.97 0.34
#